data_8U9I
#
_entry.id   8U9I
#
_cell.length_a   63.916
_cell.length_b   60.947
_cell.length_c   96.168
_cell.angle_alpha   90.000
_cell.angle_beta   101.630
_cell.angle_gamma   90.000
#
_symmetry.space_group_name_H-M   'P 1 21 1'
#
loop_
_entity.id
_entity.type
_entity.pdbx_description
1 polymer Alpha-2,3/2,6-sialyltransferase/sialidase
2 non-polymer 2-AMINO-2-HYDROXYMETHYL-PROPANE-1,3-DIOL
3 non-polymer DI(HYDROXYETHYL)ETHER
4 non-polymer GLYCEROL
5 water water
#
_entity_poly.entity_id   1
_entity_poly.type   'polypeptide(L)'
_entity_poly.pdbx_seq_one_letter_code
;MKTITLYLDPASLPALNQLMDFTQNNEDKTHPRIFGLSRFKIPDNIITQYQNIHFVELKDNRPTEALFTILDQYPGNIEL
NIHLNIAHSVQLIRPILAYRFKHLDRVSIQQLNLYDNGSMEYVDLEKEENKDISAEIKQAEKQLSHYLLTGKIKFDNPTI
ARYVWQSAFPVKYHFLSTDYFEKAEFLQPLKEYLAENYQKMDWTAYQQLTPEQQAFYLTLVGFNDEVKQSLEVQQAKFIF
TGTTTWEGNTDVREYYAQQQLNLLNHFTQAEGDLFIGDHYKIYFKGHPRGGEINDYILNNAKNITNIPANISFEVLMMTG
LLPDKVGGVASSLYFSLPKEKISHIIFTSNKQVKSKEDALNNPYVKVMRRLGIIDESQVIFWDSLKQLGGGLEHHHHHH
;
_entity_poly.pdbx_strand_id   A,B
#
# COMPACT_ATOMS: atom_id res chain seq x y z
N MET A 1 -9.30 -31.10 -27.18
CA MET A 1 -8.30 -30.29 -26.47
C MET A 1 -8.94 -29.00 -25.95
N LYS A 2 -8.38 -28.47 -24.87
CA LYS A 2 -8.82 -27.21 -24.27
C LYS A 2 -7.64 -26.24 -24.30
N THR A 3 -7.87 -25.01 -24.75
CA THR A 3 -6.85 -23.96 -24.70
C THR A 3 -6.98 -23.25 -23.37
N ILE A 4 -5.84 -23.02 -22.71
CA ILE A 4 -5.75 -22.21 -21.51
C ILE A 4 -4.82 -21.05 -21.81
N THR A 5 -5.27 -19.83 -21.51
CA THR A 5 -4.49 -18.62 -21.79
C THR A 5 -3.85 -18.12 -20.50
N LEU A 6 -2.54 -17.88 -20.55
CA LEU A 6 -1.79 -17.41 -19.41
C LEU A 6 -1.26 -16.03 -19.72
N TYR A 7 -1.49 -15.11 -18.80
CA TYR A 7 -1.07 -13.72 -18.93
C TYR A 7 -0.06 -13.44 -17.82
N LEU A 8 1.23 -13.37 -18.16
CA LEU A 8 2.29 -13.24 -17.18
C LEU A 8 3.14 -12.00 -17.43
N ASP A 9 3.34 -11.18 -16.39
CA ASP A 9 4.19 -10.00 -16.46
C ASP A 9 4.44 -9.42 -15.07
N PRO A 10 5.70 -9.31 -14.63
CA PRO A 10 5.97 -8.58 -13.38
C PRO A 10 5.96 -7.08 -13.53
N ALA A 11 5.95 -6.57 -14.76
CA ALA A 11 6.16 -5.14 -15.01
C ALA A 11 4.86 -4.48 -15.41
N SER A 12 4.90 -3.55 -16.36
CA SER A 12 3.73 -2.75 -16.71
C SER A 12 3.33 -2.88 -18.18
N LEU A 13 4.26 -2.66 -19.11
CA LEU A 13 3.84 -2.54 -20.50
C LEU A 13 3.34 -3.87 -21.05
N PRO A 14 3.99 -5.01 -20.78
CA PRO A 14 3.39 -6.29 -21.26
C PRO A 14 2.00 -6.51 -20.69
N ALA A 15 1.82 -6.26 -19.39
CA ALA A 15 0.50 -6.42 -18.78
C ALA A 15 -0.55 -5.54 -19.44
N LEU A 16 -0.18 -4.29 -19.76
CA LEU A 16 -1.15 -3.41 -20.41
C LEU A 16 -1.62 -3.97 -21.75
N ASN A 17 -0.70 -4.58 -22.50
CA ASN A 17 -1.04 -5.21 -23.76
C ASN A 17 -1.85 -6.48 -23.55
N GLN A 18 -1.51 -7.24 -22.51
CA GLN A 18 -2.22 -8.48 -22.22
C GLN A 18 -3.62 -8.20 -21.72
N LEU A 19 -3.79 -7.15 -20.93
CA LEU A 19 -5.15 -6.76 -20.51
C LEU A 19 -5.97 -6.25 -21.69
N MET A 20 -5.32 -5.63 -22.68
CA MET A 20 -6.02 -5.32 -23.92
C MET A 20 -6.45 -6.60 -24.64
N ASP A 21 -5.59 -7.61 -24.70
CA ASP A 21 -5.96 -8.88 -25.31
C ASP A 21 -7.17 -9.48 -24.61
N PHE A 22 -7.13 -9.52 -23.28
CA PHE A 22 -8.28 -10.00 -22.50
C PHE A 22 -9.53 -9.23 -22.88
N THR A 23 -9.43 -7.88 -22.95
CA THR A 23 -10.60 -7.05 -23.26
C THR A 23 -11.15 -7.38 -24.64
N GLN A 24 -10.27 -7.55 -25.64
CA GLN A 24 -10.73 -7.87 -26.98
C GLN A 24 -11.49 -9.19 -27.01
N ASN A 25 -11.14 -10.13 -26.14
CA ASN A 25 -11.78 -11.43 -26.04
C ASN A 25 -12.78 -11.53 -24.90
N ASN A 26 -13.26 -10.42 -24.37
CA ASN A 26 -14.03 -10.45 -23.13
C ASN A 26 -15.49 -10.88 -23.32
N GLU A 27 -15.95 -11.11 -24.55
CA GLU A 27 -17.26 -11.74 -24.70
C GLU A 27 -17.22 -13.24 -24.37
N ASP A 28 -16.04 -13.85 -24.42
CA ASP A 28 -15.89 -15.27 -24.07
C ASP A 28 -15.77 -15.36 -22.56
N LYS A 29 -16.85 -15.80 -21.90
CA LYS A 29 -16.89 -15.76 -20.45
C LYS A 29 -16.27 -16.99 -19.78
N THR A 30 -15.97 -18.05 -20.52
CA THR A 30 -15.55 -19.31 -19.92
C THR A 30 -14.18 -19.78 -20.38
N HIS A 31 -13.53 -19.04 -21.26
CA HIS A 31 -12.20 -19.45 -21.71
C HIS A 31 -11.27 -19.49 -20.51
N PRO A 32 -10.58 -20.60 -20.25
CA PRO A 32 -9.72 -20.65 -19.06
C PRO A 32 -8.59 -19.63 -19.16
N ARG A 33 -8.41 -18.86 -18.10
CA ARG A 33 -7.45 -17.77 -18.08
C ARG A 33 -6.70 -17.79 -16.75
N ILE A 34 -5.39 -17.58 -16.81
CA ILE A 34 -4.55 -17.50 -15.61
C ILE A 34 -3.79 -16.19 -15.68
N PHE A 35 -4.02 -15.33 -14.71
CA PHE A 35 -3.42 -14.00 -14.63
C PHE A 35 -2.31 -13.99 -13.59
N GLY A 36 -1.12 -13.61 -14.04
CA GLY A 36 0.02 -13.39 -13.17
C GLY A 36 0.62 -12.05 -13.51
N LEU A 37 -0.13 -10.98 -13.24
CA LEU A 37 0.25 -9.60 -13.54
C LEU A 37 0.50 -8.92 -12.20
N SER A 38 1.77 -8.86 -11.79
CA SER A 38 2.09 -8.42 -10.44
C SER A 38 1.62 -7.01 -10.15
N ARG A 39 1.55 -6.15 -11.15
CA ARG A 39 1.26 -4.75 -10.91
C ARG A 39 -0.21 -4.41 -11.07
N PHE A 40 -1.06 -5.38 -11.44
CA PHE A 40 -2.45 -5.09 -11.77
C PHE A 40 -3.39 -6.00 -10.98
N LYS A 41 -4.18 -5.41 -10.10
CA LYS A 41 -5.28 -6.08 -9.43
C LYS A 41 -6.53 -5.93 -10.29
N ILE A 42 -7.04 -7.04 -10.78
CA ILE A 42 -8.28 -7.01 -11.55
C ILE A 42 -9.45 -6.90 -10.57
N PRO A 43 -10.35 -5.93 -10.75
CA PRO A 43 -11.38 -5.72 -9.73
C PRO A 43 -12.30 -6.91 -9.61
N ASP A 44 -12.81 -7.11 -8.39
CA ASP A 44 -13.74 -8.20 -8.11
C ASP A 44 -14.89 -8.23 -9.09
N ASN A 45 -15.41 -7.05 -9.45
CA ASN A 45 -16.63 -7.02 -10.25
C ASN A 45 -16.36 -7.28 -11.72
N ILE A 46 -15.10 -7.38 -12.13
CA ILE A 46 -14.75 -7.98 -13.40
C ILE A 46 -14.57 -9.49 -13.24
N ILE A 47 -13.83 -9.91 -12.22
CA ILE A 47 -13.52 -11.31 -12.03
C ILE A 47 -14.78 -12.15 -11.99
N THR A 48 -15.81 -11.69 -11.29
CA THR A 48 -16.99 -12.51 -11.10
C THR A 48 -17.86 -12.61 -12.34
N GLN A 49 -17.55 -11.87 -13.41
CA GLN A 49 -18.22 -12.08 -14.68
C GLN A 49 -17.72 -13.29 -15.45
N TYR A 50 -16.62 -13.92 -15.01
CA TYR A 50 -15.90 -14.93 -15.75
C TYR A 50 -15.87 -16.23 -14.97
N GLN A 51 -15.89 -17.32 -15.70
CA GLN A 51 -15.64 -18.64 -15.14
C GLN A 51 -14.26 -19.08 -15.58
N ASN A 52 -13.71 -20.07 -14.84
CA ASN A 52 -12.41 -20.64 -15.15
C ASN A 52 -11.34 -19.55 -15.22
N ILE A 53 -11.37 -18.63 -14.27
CA ILE A 53 -10.43 -17.52 -14.23
C ILE A 53 -9.63 -17.70 -12.95
N HIS A 54 -8.32 -17.56 -13.06
CA HIS A 54 -7.41 -17.93 -12.00
C HIS A 54 -6.34 -16.87 -11.85
N PHE A 55 -5.73 -16.83 -10.69
CA PHE A 55 -4.69 -15.85 -10.36
C PHE A 55 -3.51 -16.55 -9.70
N VAL A 56 -2.32 -16.21 -10.15
CA VAL A 56 -1.06 -16.69 -9.59
C VAL A 56 -0.17 -15.49 -9.30
N GLU A 57 0.54 -15.55 -8.19
CA GLU A 57 1.57 -14.58 -7.89
C GLU A 57 2.84 -14.91 -8.65
N LEU A 58 3.65 -13.88 -8.89
CA LEU A 58 5.00 -14.07 -9.37
C LEU A 58 5.96 -13.88 -8.20
N LYS A 59 7.04 -14.64 -8.21
CA LYS A 59 8.15 -14.46 -7.29
C LYS A 59 9.44 -14.63 -8.08
N ASP A 60 10.32 -13.65 -7.98
CA ASP A 60 11.57 -13.67 -8.73
C ASP A 60 11.31 -13.91 -10.22
N ASN A 61 10.28 -13.24 -10.74
CA ASN A 61 9.96 -13.25 -12.18
C ASN A 61 9.55 -14.64 -12.67
N ARG A 62 9.00 -15.47 -11.80
CA ARG A 62 8.37 -16.73 -12.19
C ARG A 62 7.02 -16.87 -11.52
N PRO A 63 6.05 -17.49 -12.19
CA PRO A 63 4.82 -17.85 -11.46
C PRO A 63 5.17 -18.86 -10.37
N THR A 64 4.50 -18.73 -9.23
CA THR A 64 4.77 -19.65 -8.16
C THR A 64 4.23 -21.05 -8.51
N GLU A 65 4.67 -22.03 -7.75
CA GLU A 65 4.21 -23.41 -7.97
C GLU A 65 2.69 -23.55 -7.78
N ALA A 66 2.01 -22.56 -7.23
CA ALA A 66 0.55 -22.55 -7.23
C ALA A 66 -0.02 -22.70 -8.64
N LEU A 67 0.79 -22.36 -9.66
CA LEU A 67 0.35 -22.55 -11.05
C LEU A 67 0.04 -24.01 -11.31
N PHE A 68 0.85 -24.92 -10.75
CA PHE A 68 0.62 -26.35 -10.98
C PHE A 68 -0.74 -26.79 -10.48
N THR A 69 -1.15 -26.30 -9.30
CA THR A 69 -2.46 -26.64 -8.77
C THR A 69 -3.59 -26.21 -9.70
N ILE A 70 -3.44 -25.03 -10.33
CA ILE A 70 -4.48 -24.58 -11.25
C ILE A 70 -4.51 -25.47 -12.48
N LEU A 71 -3.34 -25.75 -13.07
CA LEU A 71 -3.30 -26.54 -14.28
C LEU A 71 -3.78 -27.95 -14.02
N ASP A 72 -3.59 -28.43 -12.78
CA ASP A 72 -4.06 -29.78 -12.42
C ASP A 72 -5.58 -29.89 -12.49
N GLN A 73 -6.30 -28.77 -12.44
CA GLN A 73 -7.76 -28.77 -12.53
C GLN A 73 -8.26 -29.02 -13.94
N TYR A 74 -7.38 -29.13 -14.93
CA TYR A 74 -7.77 -29.34 -16.33
C TYR A 74 -7.16 -30.66 -16.78
N PRO A 75 -7.84 -31.78 -16.47
CA PRO A 75 -7.18 -33.09 -16.55
C PRO A 75 -7.01 -33.63 -17.96
N GLY A 76 -7.70 -33.05 -18.94
CA GLY A 76 -7.62 -33.54 -20.31
C GLY A 76 -6.41 -33.00 -21.03
N ASN A 77 -6.46 -33.05 -22.36
CA ASN A 77 -5.43 -32.43 -23.17
C ASN A 77 -5.57 -30.92 -23.12
N ILE A 78 -4.46 -30.19 -22.88
CA ILE A 78 -4.49 -28.75 -22.75
C ILE A 78 -3.39 -28.12 -23.60
N GLU A 79 -3.74 -27.05 -24.30
CA GLU A 79 -2.82 -26.25 -25.10
C GLU A 79 -2.67 -24.92 -24.38
N LEU A 80 -1.43 -24.47 -24.19
CA LEU A 80 -1.18 -23.24 -23.47
C LEU A 80 -0.94 -22.10 -24.45
N ASN A 81 -1.76 -21.07 -24.35
CA ASN A 81 -1.57 -19.82 -25.08
C ASN A 81 -0.96 -18.82 -24.09
N ILE A 82 0.30 -18.47 -24.29
CA ILE A 82 1.11 -17.85 -23.25
C ILE A 82 1.51 -16.45 -23.69
N HIS A 83 1.28 -15.47 -22.84
CA HIS A 83 1.70 -14.10 -23.05
C HIS A 83 2.75 -13.76 -22.02
N LEU A 84 3.87 -13.17 -22.49
CA LEU A 84 5.05 -12.96 -21.67
C LEU A 84 5.69 -11.59 -21.87
N ASN A 85 6.42 -11.17 -20.85
CA ASN A 85 7.37 -10.07 -20.92
C ASN A 85 8.64 -10.59 -21.59
N ILE A 86 9.13 -9.88 -22.63
CA ILE A 86 10.29 -10.40 -23.39
C ILE A 86 11.53 -10.53 -22.48
N ALA A 87 11.90 -9.44 -21.81
CA ALA A 87 13.11 -9.47 -20.99
C ALA A 87 13.09 -10.61 -19.99
N HIS A 88 11.93 -10.90 -19.41
CA HIS A 88 11.80 -11.91 -18.37
C HIS A 88 11.23 -13.22 -18.88
N SER A 89 11.24 -13.43 -20.21
CA SER A 89 10.52 -14.56 -20.78
C SER A 89 11.08 -15.90 -20.30
N VAL A 90 12.41 -16.00 -20.16
CA VAL A 90 12.99 -17.30 -19.78
C VAL A 90 12.53 -17.70 -18.38
N GLN A 91 12.62 -16.78 -17.41
CA GLN A 91 12.16 -17.12 -16.06
C GLN A 91 10.65 -17.35 -16.03
N LEU A 92 9.88 -16.52 -16.74
CA LEU A 92 8.43 -16.61 -16.63
C LEU A 92 7.91 -17.94 -17.12
N ILE A 93 8.51 -18.47 -18.18
CA ILE A 93 8.03 -19.73 -18.75
C ILE A 93 8.56 -20.95 -18.02
N ARG A 94 9.51 -20.78 -17.10
CA ARG A 94 10.14 -21.96 -16.50
C ARG A 94 9.16 -22.89 -15.81
N PRO A 95 8.24 -22.42 -14.96
CA PRO A 95 7.32 -23.39 -14.33
C PRO A 95 6.34 -23.97 -15.33
N ILE A 96 6.01 -23.24 -16.39
CA ILE A 96 5.16 -23.80 -17.44
C ILE A 96 5.86 -24.96 -18.13
N LEU A 97 7.11 -24.77 -18.49
CA LEU A 97 7.88 -25.83 -19.13
C LEU A 97 8.16 -26.96 -18.16
N ALA A 98 8.31 -26.67 -16.86
CA ALA A 98 8.45 -27.74 -15.88
C ALA A 98 7.18 -28.57 -15.84
N TYR A 99 6.03 -27.92 -15.86
CA TYR A 99 4.75 -28.64 -15.85
C TYR A 99 4.57 -29.44 -17.14
N ARG A 100 4.94 -28.87 -18.28
CA ARG A 100 4.83 -29.59 -19.54
C ARG A 100 5.69 -30.85 -19.51
N PHE A 101 6.93 -30.69 -19.05
CA PHE A 101 7.84 -31.82 -18.99
C PHE A 101 7.26 -32.97 -18.17
N LYS A 102 6.56 -32.65 -17.09
CA LYS A 102 5.99 -33.66 -16.21
C LYS A 102 4.70 -34.28 -16.75
N HIS A 103 4.01 -33.60 -17.66
CA HIS A 103 2.74 -34.05 -18.20
C HIS A 103 2.80 -34.00 -19.72
N LEU A 104 3.80 -34.68 -20.28
CA LEU A 104 4.10 -34.57 -21.69
C LEU A 104 3.06 -35.25 -22.55
N ASP A 105 2.21 -36.10 -21.97
CA ASP A 105 1.20 -36.79 -22.73
C ASP A 105 -0.02 -35.92 -23.03
N ARG A 106 -0.22 -34.84 -22.27
CA ARG A 106 -1.43 -34.06 -22.41
C ARG A 106 -1.21 -32.55 -22.53
N VAL A 107 0.00 -32.04 -22.25
CA VAL A 107 0.25 -30.60 -22.23
C VAL A 107 1.13 -30.23 -23.41
N SER A 108 0.68 -29.22 -24.16
CA SER A 108 1.44 -28.68 -25.27
C SER A 108 1.41 -27.15 -25.21
N ILE A 109 2.37 -26.55 -25.91
CA ILE A 109 2.45 -25.10 -26.03
C ILE A 109 1.82 -24.71 -27.36
N GLN A 110 0.76 -23.92 -27.30
CA GLN A 110 0.07 -23.51 -28.50
C GLN A 110 0.79 -22.39 -29.21
N GLN A 111 1.13 -21.35 -28.46
CA GLN A 111 1.75 -20.19 -29.05
C GLN A 111 2.21 -19.28 -27.94
N LEU A 112 3.14 -18.41 -28.27
CA LEU A 112 3.61 -17.34 -27.38
C LEU A 112 3.33 -15.99 -28.02
N ASN A 113 2.94 -15.03 -27.19
CA ASN A 113 2.95 -13.63 -27.53
C ASN A 113 3.86 -12.96 -26.51
N LEU A 114 4.81 -12.18 -26.99
CA LEU A 114 5.83 -11.56 -26.15
C LEU A 114 5.84 -10.06 -26.37
N TYR A 115 6.03 -9.29 -25.30
CA TYR A 115 5.92 -7.85 -25.36
C TYR A 115 7.09 -7.24 -24.60
N ASP A 116 7.61 -6.13 -25.10
CA ASP A 116 8.71 -5.44 -24.41
C ASP A 116 8.33 -4.99 -23.01
N ASN A 117 9.24 -5.23 -22.07
CA ASN A 117 9.22 -4.54 -20.78
C ASN A 117 9.31 -3.03 -20.99
N GLY A 118 10.24 -2.59 -21.85
CA GLY A 118 10.47 -1.18 -22.03
C GLY A 118 11.82 -0.94 -22.65
N SER A 119 12.52 0.08 -22.16
CA SER A 119 13.87 0.35 -22.66
C SER A 119 14.83 -0.77 -22.31
N MET A 120 14.54 -1.56 -21.27
CA MET A 120 15.38 -2.68 -20.86
C MET A 120 15.92 -3.50 -22.01
N GLU A 121 15.01 -4.02 -22.85
CA GLU A 121 15.40 -4.93 -23.92
C GLU A 121 16.41 -4.28 -24.84
N TYR A 122 16.24 -2.98 -25.11
CA TYR A 122 17.06 -2.26 -26.05
C TYR A 122 18.42 -1.94 -25.45
N VAL A 123 18.44 -1.55 -24.18
CA VAL A 123 19.71 -1.35 -23.49
C VAL A 123 20.49 -2.64 -23.44
N ASP A 124 19.79 -3.78 -23.30
CA ASP A 124 20.47 -5.06 -23.26
C ASP A 124 21.00 -5.46 -24.64
N LEU A 125 20.25 -5.17 -25.70
CA LEU A 125 20.70 -5.55 -27.05
C LEU A 125 21.92 -4.75 -27.44
N GLU A 126 22.04 -3.51 -26.97
CA GLU A 126 23.20 -2.69 -27.29
C GLU A 126 24.48 -3.33 -26.78
N LYS A 127 24.40 -4.08 -25.69
CA LYS A 127 25.60 -4.73 -25.15
C LYS A 127 26.07 -5.87 -26.03
N GLU A 128 25.29 -6.27 -27.03
CA GLU A 128 25.65 -7.39 -27.89
C GLU A 128 26.29 -6.96 -29.19
N GLU A 129 26.51 -5.66 -29.38
CA GLU A 129 27.16 -5.20 -30.58
C GLU A 129 28.59 -5.71 -30.61
N ASN A 130 29.04 -6.09 -31.80
CA ASN A 130 30.35 -6.64 -32.11
C ASN A 130 30.36 -8.15 -32.00
N LYS A 131 29.36 -8.77 -31.39
CA LYS A 131 29.25 -10.20 -31.42
C LYS A 131 28.74 -10.66 -32.79
N ASP A 132 28.99 -11.93 -33.09
CA ASP A 132 28.46 -12.56 -34.29
C ASP A 132 27.03 -12.99 -34.01
N ILE A 133 26.07 -12.15 -34.43
CA ILE A 133 24.69 -12.34 -33.99
C ILE A 133 24.11 -13.63 -34.58
N SER A 134 24.47 -13.96 -35.82
CA SER A 134 24.01 -15.22 -36.39
C SER A 134 24.43 -16.40 -35.52
N ALA A 135 25.70 -16.41 -35.07
CA ALA A 135 26.16 -17.53 -34.26
C ALA A 135 25.55 -17.52 -32.86
N GLU A 136 25.32 -16.33 -32.30
CA GLU A 136 24.65 -16.23 -30.99
C GLU A 136 23.23 -16.79 -31.07
N ILE A 137 22.52 -16.49 -32.14
CA ILE A 137 21.16 -17.01 -32.33
C ILE A 137 21.20 -18.53 -32.37
N LYS A 138 22.08 -19.09 -33.21
CA LYS A 138 22.07 -20.53 -33.39
C LYS A 138 22.40 -21.26 -32.10
N GLN A 139 23.36 -20.76 -31.34
CA GLN A 139 23.69 -21.39 -30.07
C GLN A 139 22.53 -21.33 -29.11
N ALA A 140 21.85 -20.18 -29.06
CA ALA A 140 20.71 -20.04 -28.18
C ALA A 140 19.58 -20.99 -28.58
N GLU A 141 19.36 -21.17 -29.89
CA GLU A 141 18.37 -22.14 -30.33
C GLU A 141 18.69 -23.53 -29.80
N LYS A 142 19.97 -23.91 -29.84
CA LYS A 142 20.33 -25.26 -29.38
C LYS A 142 20.15 -25.37 -27.88
N GLN A 143 20.47 -24.30 -27.14
CA GLN A 143 20.33 -24.35 -25.70
C GLN A 143 18.87 -24.31 -25.29
N LEU A 144 18.02 -23.68 -26.09
CA LEU A 144 16.59 -23.74 -25.83
C LEU A 144 16.06 -25.15 -26.08
N SER A 145 16.55 -25.82 -27.13
CA SER A 145 16.13 -27.20 -27.35
C SER A 145 16.47 -28.08 -26.16
N HIS A 146 17.65 -27.88 -25.58
CA HIS A 146 18.01 -28.63 -24.38
C HIS A 146 17.08 -28.30 -23.22
N TYR A 147 16.75 -27.01 -23.06
CA TYR A 147 15.87 -26.55 -21.99
C TYR A 147 14.48 -27.17 -22.10
N LEU A 148 13.88 -27.10 -23.28
CA LEU A 148 12.56 -27.68 -23.48
C LEU A 148 12.57 -29.19 -23.28
N LEU A 149 13.69 -29.85 -23.53
CA LEU A 149 13.80 -31.29 -23.34
C LEU A 149 14.24 -31.64 -21.92
N THR A 150 15.54 -31.62 -21.65
CA THR A 150 16.07 -32.14 -20.40
C THR A 150 15.64 -31.32 -19.20
N GLY A 151 15.26 -30.06 -19.39
CA GLY A 151 14.92 -29.19 -18.29
C GLY A 151 16.07 -28.37 -17.72
N LYS A 152 17.23 -28.38 -18.37
CA LYS A 152 18.41 -27.68 -17.86
C LYS A 152 18.55 -26.35 -18.59
N ILE A 153 18.38 -25.25 -17.84
CA ILE A 153 18.51 -23.90 -18.37
C ILE A 153 19.98 -23.49 -18.28
N LYS A 154 20.61 -23.28 -19.43
CA LYS A 154 21.89 -22.59 -19.46
C LYS A 154 22.00 -21.96 -20.84
N PHE A 155 21.92 -20.63 -20.89
CA PHE A 155 22.09 -19.86 -22.11
C PHE A 155 23.41 -19.12 -22.04
N ASP A 156 24.26 -19.34 -23.06
CA ASP A 156 25.49 -18.54 -23.20
C ASP A 156 25.16 -17.06 -23.32
N ASN A 157 24.05 -16.73 -23.97
CA ASN A 157 23.66 -15.35 -24.25
C ASN A 157 22.21 -15.17 -23.82
N PRO A 158 21.98 -14.85 -22.55
CA PRO A 158 20.59 -14.65 -22.10
C PRO A 158 19.84 -13.58 -22.87
N THR A 159 20.50 -12.56 -23.37
CA THR A 159 19.78 -11.51 -24.09
C THR A 159 19.26 -12.03 -25.44
N ILE A 160 20.10 -12.68 -26.23
CA ILE A 160 19.63 -13.21 -27.50
C ILE A 160 18.64 -14.35 -27.28
N ALA A 161 18.76 -15.09 -26.18
CA ALA A 161 17.83 -16.18 -25.91
C ALA A 161 16.39 -15.71 -25.85
N ARG A 162 16.17 -14.43 -25.53
CA ARG A 162 14.84 -13.90 -25.46
C ARG A 162 14.14 -13.90 -26.80
N TYR A 163 14.89 -14.05 -27.90
CA TYR A 163 14.38 -13.86 -29.24
C TYR A 163 14.43 -15.13 -30.08
N VAL A 164 14.67 -16.30 -29.48
CA VAL A 164 14.80 -17.52 -30.29
C VAL A 164 13.63 -18.49 -30.06
N TRP A 165 12.54 -18.02 -29.45
CA TRP A 165 11.42 -18.91 -29.16
C TRP A 165 10.84 -19.56 -30.39
N GLN A 166 10.94 -18.92 -31.55
CA GLN A 166 10.37 -19.49 -32.76
C GLN A 166 11.02 -20.81 -33.13
N SER A 167 12.20 -21.09 -32.60
CA SER A 167 12.83 -22.37 -32.87
C SER A 167 12.06 -23.53 -32.22
N ALA A 168 11.16 -23.24 -31.30
CA ALA A 168 10.39 -24.26 -30.63
C ALA A 168 8.88 -24.09 -30.79
N PHE A 169 8.39 -22.87 -30.83
CA PHE A 169 6.95 -22.61 -30.77
C PHE A 169 6.54 -21.54 -31.77
N PRO A 170 5.27 -21.51 -32.15
CA PRO A 170 4.71 -20.32 -32.80
C PRO A 170 4.76 -19.13 -31.84
N VAL A 171 5.20 -17.99 -32.36
CA VAL A 171 5.45 -16.82 -31.51
C VAL A 171 5.14 -15.56 -32.30
N LYS A 172 4.65 -14.54 -31.59
CA LYS A 172 4.56 -13.19 -32.09
C LYS A 172 5.20 -12.25 -31.07
N TYR A 173 6.11 -11.40 -31.54
CA TYR A 173 6.74 -10.38 -30.74
C TYR A 173 6.08 -9.03 -31.00
N HIS A 174 5.90 -8.23 -29.96
CA HIS A 174 5.33 -6.90 -30.03
C HIS A 174 6.36 -5.94 -29.47
N PHE A 175 6.97 -5.12 -30.35
CA PHE A 175 8.13 -4.32 -30.02
C PHE A 175 7.77 -2.86 -29.84
N LEU A 176 8.33 -2.24 -28.78
CA LEU A 176 8.27 -0.80 -28.61
C LEU A 176 8.91 -0.08 -29.79
N SER A 177 10.04 -0.59 -30.27
CA SER A 177 10.79 0.05 -31.34
C SER A 177 11.15 -0.95 -32.42
N THR A 178 10.33 -1.01 -33.46
CA THR A 178 10.74 -1.77 -34.64
C THR A 178 11.84 -1.04 -35.38
N ASP A 179 11.87 0.29 -35.30
CA ASP A 179 12.95 1.04 -35.93
C ASP A 179 14.31 0.61 -35.40
N TYR A 180 14.39 0.26 -34.12
CA TYR A 180 15.66 -0.17 -33.57
C TYR A 180 16.17 -1.41 -34.28
N PHE A 181 15.30 -2.40 -34.45
CA PHE A 181 15.68 -3.65 -35.09
C PHE A 181 16.01 -3.43 -36.55
N GLU A 182 15.40 -2.44 -37.17
CA GLU A 182 15.56 -2.27 -38.61
C GLU A 182 16.70 -1.32 -38.93
N LYS A 183 17.14 -0.52 -37.95
CA LYS A 183 18.18 0.48 -38.16
C LYS A 183 19.48 0.19 -37.42
N ALA A 184 19.49 -0.76 -36.48
CA ALA A 184 20.73 -1.17 -35.82
C ALA A 184 21.41 -2.15 -36.75
N GLU A 185 22.45 -1.68 -37.44
CA GLU A 185 23.05 -2.50 -38.49
C GLU A 185 23.52 -3.84 -37.93
N PHE A 186 24.10 -3.83 -36.72
CA PHE A 186 24.64 -5.05 -36.14
C PHE A 186 23.58 -6.10 -35.86
N LEU A 187 22.31 -5.72 -35.78
CA LEU A 187 21.26 -6.69 -35.51
C LEU A 187 20.57 -7.19 -36.76
N GLN A 188 21.11 -6.92 -37.95
CA GLN A 188 20.40 -7.37 -39.13
C GLN A 188 20.23 -8.89 -39.17
N PRO A 189 21.16 -9.72 -38.70
CA PRO A 189 20.86 -11.16 -38.68
C PRO A 189 19.66 -11.49 -37.80
N LEU A 190 19.48 -10.76 -36.71
CA LEU A 190 18.32 -11.03 -35.84
C LEU A 190 17.04 -10.49 -36.47
N LYS A 191 17.08 -9.29 -37.02
CA LYS A 191 15.93 -8.74 -37.74
C LYS A 191 15.45 -9.72 -38.82
N GLU A 192 16.39 -10.24 -39.62
CA GLU A 192 16.00 -11.17 -40.69
C GLU A 192 15.48 -12.48 -40.12
N TYR A 193 16.13 -12.98 -39.05
CA TYR A 193 15.69 -14.22 -38.42
C TYR A 193 14.27 -14.11 -37.91
N LEU A 194 13.94 -12.99 -37.26
CA LEU A 194 12.62 -12.85 -36.68
C LEU A 194 11.54 -12.79 -37.75
N ALA A 195 11.89 -12.33 -38.95
CA ALA A 195 11.06 -12.50 -40.15
C ALA A 195 9.68 -11.90 -39.89
N GLU A 196 8.61 -12.62 -40.13
CA GLU A 196 7.24 -12.17 -39.92
C GLU A 196 6.78 -12.32 -38.49
N ASN A 197 7.66 -12.69 -37.56
CA ASN A 197 7.20 -12.96 -36.20
C ASN A 197 7.18 -11.75 -35.29
N TYR A 198 7.49 -10.56 -35.79
CA TYR A 198 7.40 -9.37 -34.94
C TYR A 198 6.55 -8.29 -35.59
N GLN A 199 5.97 -7.46 -34.73
CA GLN A 199 5.22 -6.30 -35.19
C GLN A 199 5.41 -5.19 -34.17
N LYS A 200 5.07 -3.98 -34.57
CA LYS A 200 5.09 -2.87 -33.64
C LYS A 200 3.94 -3.03 -32.64
N MET A 201 4.17 -2.59 -31.41
CA MET A 201 3.12 -2.59 -30.43
C MET A 201 1.91 -1.82 -30.96
N ASP A 202 0.72 -2.33 -30.69
CA ASP A 202 -0.51 -1.80 -31.28
C ASP A 202 -1.11 -0.75 -30.34
N TRP A 203 -0.72 0.49 -30.54
CA TRP A 203 -1.19 1.56 -29.68
C TRP A 203 -2.62 2.00 -29.97
N THR A 204 -3.23 1.56 -31.07
CA THR A 204 -4.58 2.01 -31.42
C THR A 204 -5.65 0.95 -31.16
N ALA A 205 -5.31 -0.12 -30.45
CA ALA A 205 -6.29 -1.16 -30.19
C ALA A 205 -7.47 -0.60 -29.40
N TYR A 206 -7.18 0.28 -28.44
CA TYR A 206 -8.23 0.87 -27.61
C TYR A 206 -9.28 1.60 -28.45
N GLN A 207 -8.84 2.26 -29.50
CA GLN A 207 -9.75 3.03 -30.35
C GLN A 207 -10.71 2.13 -31.14
N GLN A 208 -10.37 0.88 -31.36
CA GLN A 208 -11.22 -0.05 -32.09
C GLN A 208 -12.19 -0.82 -31.21
N LEU A 209 -12.03 -0.74 -29.89
CA LEU A 209 -12.95 -1.42 -28.97
C LEU A 209 -14.33 -0.76 -28.99
N THR A 210 -15.34 -1.54 -28.63
CA THR A 210 -16.67 -0.98 -28.41
C THR A 210 -16.61 -0.05 -27.20
N PRO A 211 -17.58 0.85 -27.05
CA PRO A 211 -17.56 1.72 -25.88
C PRO A 211 -17.54 0.95 -24.57
N GLU A 212 -18.28 -0.16 -24.48
CA GLU A 212 -18.30 -0.91 -23.23
C GLU A 212 -16.94 -1.57 -22.99
N GLN A 213 -16.30 -2.04 -24.06
CA GLN A 213 -14.97 -2.62 -23.90
C GLN A 213 -13.96 -1.56 -23.50
N GLN A 214 -14.10 -0.35 -24.02
CA GLN A 214 -13.22 0.73 -23.61
C GLN A 214 -13.32 0.98 -22.11
N ALA A 215 -14.55 1.04 -21.59
CA ALA A 215 -14.75 1.21 -20.16
C ALA A 215 -14.16 0.04 -19.38
N PHE A 216 -14.39 -1.19 -19.86
CA PHE A 216 -13.80 -2.39 -19.28
C PHE A 216 -12.29 -2.27 -19.18
N TYR A 217 -11.66 -1.90 -20.28
CA TYR A 217 -10.20 -1.78 -20.27
C TYR A 217 -9.73 -0.75 -19.25
N LEU A 218 -10.38 0.40 -19.23
CA LEU A 218 -9.99 1.42 -18.25
C LEU A 218 -10.13 0.91 -16.81
N THR A 219 -11.15 0.11 -16.52
CA THR A 219 -11.27 -0.50 -15.21
C THR A 219 -10.14 -1.50 -14.94
N LEU A 220 -9.76 -2.28 -15.94
CA LEU A 220 -8.68 -3.23 -15.75
C LEU A 220 -7.39 -2.54 -15.34
N VAL A 221 -7.05 -1.42 -15.98
CA VAL A 221 -5.76 -0.79 -15.79
C VAL A 221 -5.80 0.28 -14.72
N GLY A 222 -6.96 0.54 -14.12
CA GLY A 222 -7.02 1.49 -13.01
C GLY A 222 -7.02 2.94 -13.40
N PHE A 223 -7.63 3.28 -14.53
CA PHE A 223 -7.64 4.61 -15.13
C PHE A 223 -9.06 5.15 -14.95
N ASN A 224 -9.27 5.91 -13.87
CA ASN A 224 -10.66 6.26 -13.53
C ASN A 224 -11.09 7.53 -14.26
N ASP A 225 -12.38 7.85 -14.11
CA ASP A 225 -12.98 8.88 -14.95
C ASP A 225 -12.48 10.28 -14.60
N GLU A 226 -12.16 10.50 -13.32
CA GLU A 226 -11.63 11.80 -12.88
C GLU A 226 -10.34 12.13 -13.61
N VAL A 227 -9.39 11.20 -13.62
CA VAL A 227 -8.13 11.47 -14.29
C VAL A 227 -8.34 11.58 -15.79
N LYS A 228 -9.16 10.69 -16.34
CA LYS A 228 -9.42 10.71 -17.77
C LYS A 228 -10.01 12.05 -18.22
N GLN A 229 -11.04 12.53 -17.51
CA GLN A 229 -11.61 13.81 -17.91
C GLN A 229 -10.57 14.92 -17.84
N SER A 230 -9.69 14.87 -16.82
CA SER A 230 -8.70 15.94 -16.67
C SER A 230 -7.77 15.98 -17.87
N LEU A 231 -7.60 14.87 -18.58
CA LEU A 231 -6.71 14.78 -19.73
C LEU A 231 -7.43 14.96 -21.06
N GLU A 232 -8.71 15.33 -21.04
CA GLU A 232 -9.46 15.57 -22.27
C GLU A 232 -9.76 17.05 -22.51
N VAL A 233 -9.17 17.94 -21.72
CA VAL A 233 -9.35 19.37 -21.94
C VAL A 233 -8.80 19.75 -23.31
N GLN A 234 -9.55 20.61 -24.02
CA GLN A 234 -9.21 21.01 -25.38
C GLN A 234 -8.21 22.17 -25.34
N GLN A 235 -7.01 21.85 -24.82
CA GLN A 235 -5.93 22.80 -24.68
C GLN A 235 -4.63 22.01 -24.81
N ALA A 236 -3.57 22.68 -25.24
CA ALA A 236 -2.24 22.05 -25.21
C ALA A 236 -1.89 21.64 -23.79
N LYS A 237 -1.22 20.51 -23.68
CA LYS A 237 -0.94 19.89 -22.39
C LYS A 237 0.52 19.53 -22.27
N PHE A 238 1.09 19.83 -21.09
CA PHE A 238 2.47 19.51 -20.73
C PHE A 238 2.48 18.75 -19.41
N ILE A 239 3.15 17.59 -19.39
CA ILE A 239 3.37 16.83 -18.14
C ILE A 239 4.80 17.00 -17.70
N PHE A 240 4.97 17.41 -16.45
CA PHE A 240 6.27 17.47 -15.81
C PHE A 240 6.54 16.15 -15.07
N THR A 241 7.67 15.51 -15.35
CA THR A 241 8.02 14.26 -14.69
C THR A 241 8.84 14.56 -13.43
N GLY A 242 8.28 14.19 -12.30
CA GLY A 242 8.98 14.38 -11.05
C GLY A 242 9.94 13.26 -10.75
N THR A 243 10.75 13.49 -9.72
CA THR A 243 11.71 12.48 -9.28
C THR A 243 11.63 12.41 -7.78
N THR A 244 12.59 11.69 -7.18
CA THR A 244 12.68 11.64 -5.72
C THR A 244 13.74 12.64 -5.25
N THR A 245 14.94 12.15 -4.93
CA THR A 245 16.07 13.00 -4.53
C THR A 245 17.28 12.63 -5.39
N TRP A 246 18.39 13.33 -5.17
CA TRP A 246 19.62 13.10 -5.91
C TRP A 246 20.78 13.60 -5.03
N GLU A 247 21.97 13.64 -5.60
CA GLU A 247 23.18 14.06 -4.86
C GLU A 247 23.26 15.58 -4.86
N GLY A 248 22.54 16.18 -3.91
CA GLY A 248 22.52 17.61 -3.77
C GLY A 248 23.28 18.10 -2.54
N ASN A 249 24.12 17.23 -1.99
CA ASN A 249 24.92 17.57 -0.81
C ASN A 249 24.05 17.93 0.39
N THR A 250 22.87 17.31 0.51
CA THR A 250 22.00 17.53 1.66
C THR A 250 21.05 16.37 1.75
N ASP A 251 20.66 16.01 2.98
CA ASP A 251 19.65 14.97 3.16
C ASP A 251 18.25 15.55 3.32
N VAL A 252 18.10 16.87 3.22
CA VAL A 252 16.83 17.53 3.48
C VAL A 252 15.92 17.34 2.27
N ARG A 253 14.86 16.54 2.43
CA ARG A 253 14.00 16.23 1.30
C ARG A 253 13.27 17.45 0.77
N GLU A 254 12.97 18.42 1.63
CA GLU A 254 12.34 19.65 1.18
C GLU A 254 13.19 20.37 0.13
N TYR A 255 14.52 20.28 0.23
CA TYR A 255 15.38 20.91 -0.79
C TYR A 255 15.10 20.31 -2.15
N TYR A 256 14.89 19.01 -2.20
CA TYR A 256 14.71 18.36 -3.50
C TYR A 256 13.33 18.67 -4.07
N ALA A 257 12.33 18.81 -3.21
CA ALA A 257 11.04 19.31 -3.67
C ALA A 257 11.19 20.72 -4.23
N GLN A 258 11.86 21.61 -3.48
CA GLN A 258 11.99 22.99 -3.96
C GLN A 258 12.76 23.03 -5.28
N GLN A 259 13.76 22.19 -5.44
CA GLN A 259 14.55 22.24 -6.66
C GLN A 259 13.77 21.68 -7.85
N GLN A 260 12.89 20.73 -7.62
CA GLN A 260 12.03 20.27 -8.71
C GLN A 260 11.04 21.36 -9.11
N LEU A 261 10.51 22.10 -8.14
CA LEU A 261 9.72 23.30 -8.45
C LEU A 261 10.51 24.28 -9.29
N ASN A 262 11.79 24.46 -8.97
CA ASN A 262 12.60 25.37 -9.78
C ASN A 262 12.73 24.85 -11.20
N LEU A 263 12.93 23.54 -11.36
CA LEU A 263 13.01 22.96 -12.71
C LEU A 263 11.71 23.17 -13.47
N LEU A 264 10.57 22.94 -12.80
CA LEU A 264 9.27 23.17 -13.43
C LEU A 264 9.13 24.62 -13.90
N ASN A 265 9.62 25.58 -13.10
CA ASN A 265 9.53 26.99 -13.50
C ASN A 265 10.27 27.25 -14.80
N HIS A 266 11.33 26.50 -15.09
CA HIS A 266 12.03 26.72 -16.34
C HIS A 266 11.22 26.29 -17.55
N PHE A 267 10.22 25.43 -17.36
CA PHE A 267 9.26 25.11 -18.42
C PHE A 267 8.08 26.07 -18.47
N THR A 268 7.56 26.48 -17.32
CA THR A 268 6.27 27.18 -17.28
C THR A 268 6.40 28.68 -17.39
N GLN A 269 7.54 29.25 -17.07
CA GLN A 269 7.70 30.71 -17.05
C GLN A 269 8.44 31.18 -18.29
N ALA A 270 8.00 32.32 -18.83
CA ALA A 270 8.63 32.86 -20.03
C ALA A 270 10.11 33.14 -19.83
N GLU A 271 10.52 33.43 -18.58
CA GLU A 271 11.92 33.65 -18.22
C GLU A 271 12.74 32.37 -18.21
N GLY A 272 12.09 31.21 -18.29
CA GLY A 272 12.80 29.97 -18.16
C GLY A 272 13.61 29.64 -19.40
N ASP A 273 14.65 28.85 -19.20
CA ASP A 273 15.48 28.37 -20.29
C ASP A 273 14.76 27.36 -21.17
N LEU A 274 13.72 26.70 -20.63
CA LEU A 274 13.04 25.58 -21.28
C LEU A 274 11.57 25.91 -21.56
N PHE A 275 11.25 27.19 -21.67
CA PHE A 275 9.86 27.66 -21.72
C PHE A 275 9.08 26.97 -22.84
N ILE A 276 7.98 26.32 -22.47
CA ILE A 276 7.17 25.62 -23.43
C ILE A 276 6.12 26.50 -24.10
N GLY A 277 5.83 27.66 -23.51
CA GLY A 277 4.75 28.52 -24.00
C GLY A 277 3.67 28.72 -22.98
N ASP A 278 3.06 29.92 -22.98
CA ASP A 278 2.04 30.23 -21.99
C ASP A 278 0.74 29.48 -22.20
N HIS A 279 0.52 28.94 -23.39
CA HIS A 279 -0.75 28.30 -23.75
C HIS A 279 -0.90 26.87 -23.28
N TYR A 280 0.10 26.30 -22.60
CA TYR A 280 0.02 24.92 -22.13
C TYR A 280 -0.63 24.84 -20.77
N LYS A 281 -1.55 23.89 -20.63
CA LYS A 281 -2.06 23.45 -19.34
C LYS A 281 -1.04 22.50 -18.74
N ILE A 282 -0.71 22.69 -17.46
CA ILE A 282 0.39 21.98 -16.82
C ILE A 282 -0.11 20.85 -15.95
N TYR A 283 0.51 19.68 -16.10
CA TYR A 283 0.24 18.49 -15.32
C TYR A 283 1.51 18.03 -14.62
N PHE A 284 1.35 17.29 -13.53
CA PHE A 284 2.45 16.74 -12.77
C PHE A 284 2.32 15.24 -12.67
N LYS A 285 3.35 14.54 -13.06
CA LYS A 285 3.43 13.08 -12.94
C LYS A 285 4.55 12.82 -11.94
N GLY A 286 4.18 12.67 -10.67
CA GLY A 286 5.18 12.37 -9.66
C GLY A 286 5.79 10.99 -9.83
N HIS A 287 7.03 10.88 -9.39
CA HIS A 287 7.68 9.58 -9.25
C HIS A 287 6.86 8.70 -8.31
N PRO A 288 6.69 7.41 -8.62
CA PRO A 288 5.86 6.56 -7.77
C PRO A 288 6.33 6.50 -6.32
N ARG A 289 7.61 6.74 -6.06
CA ARG A 289 8.16 6.73 -4.72
C ARG A 289 8.43 8.13 -4.19
N GLY A 290 7.91 9.16 -4.85
CA GLY A 290 8.13 10.52 -4.38
C GLY A 290 7.48 10.80 -3.05
N GLY A 291 6.39 10.10 -2.75
CA GLY A 291 5.78 10.26 -1.44
C GLY A 291 5.44 11.69 -1.15
N GLU A 292 5.89 12.17 0.03
CA GLU A 292 5.48 13.50 0.48
C GLU A 292 6.14 14.60 -0.34
N ILE A 293 7.22 14.31 -1.06
CA ILE A 293 7.79 15.29 -1.99
C ILE A 293 6.75 15.68 -3.04
N ASN A 294 5.94 14.72 -3.46
CA ASN A 294 4.92 15.00 -4.47
C ASN A 294 3.90 15.97 -3.91
N ASP A 295 3.55 15.81 -2.64
CA ASP A 295 2.62 16.74 -2.00
C ASP A 295 3.20 18.15 -1.96
N TYR A 296 4.48 18.27 -1.62
CA TYR A 296 5.13 19.58 -1.58
C TYR A 296 5.06 20.25 -2.94
N ILE A 297 5.39 19.51 -3.98
CA ILE A 297 5.38 20.08 -5.33
C ILE A 297 3.97 20.51 -5.73
N LEU A 298 2.97 19.64 -5.52
CA LEU A 298 1.61 20.01 -5.93
C LEU A 298 1.15 21.24 -5.17
N ASN A 299 1.47 21.33 -3.89
CA ASN A 299 0.95 22.43 -3.11
C ASN A 299 1.51 23.76 -3.56
N ASN A 300 2.79 23.79 -3.94
CA ASN A 300 3.47 25.05 -4.26
C ASN A 300 3.41 25.39 -5.74
N ALA A 301 2.88 24.51 -6.58
CA ALA A 301 2.59 24.79 -7.99
C ALA A 301 1.07 24.72 -8.16
N LYS A 302 0.39 25.85 -7.97
CA LYS A 302 -1.04 25.82 -7.70
C LYS A 302 -1.85 25.37 -8.91
N ASN A 303 -1.53 25.86 -10.09
CA ASN A 303 -2.39 25.63 -11.25
C ASN A 303 -2.12 24.28 -11.94
N ILE A 304 -1.42 23.37 -11.27
CA ILE A 304 -1.04 22.12 -11.91
C ILE A 304 -2.06 21.02 -11.58
N THR A 305 -2.25 20.11 -12.52
CA THR A 305 -3.12 18.96 -12.36
C THR A 305 -2.31 17.69 -12.11
N ASN A 306 -2.56 17.06 -10.97
CA ASN A 306 -1.87 15.82 -10.65
C ASN A 306 -2.35 14.66 -11.51
N ILE A 307 -1.41 13.87 -11.98
CA ILE A 307 -1.66 12.57 -12.58
C ILE A 307 -1.09 11.50 -11.66
N PRO A 308 -1.91 10.67 -11.03
CA PRO A 308 -1.37 9.67 -10.09
C PRO A 308 -0.32 8.77 -10.73
N ALA A 309 0.62 8.23 -9.97
CA ALA A 309 1.73 7.46 -10.58
C ALA A 309 1.39 6.10 -11.21
N ASN A 310 0.23 5.56 -10.95
CA ASN A 310 -0.16 4.28 -11.51
C ASN A 310 -0.59 4.41 -12.96
N ILE A 311 -0.84 5.65 -13.37
CA ILE A 311 -1.20 5.89 -14.74
C ILE A 311 0.10 6.09 -15.49
N SER A 312 0.56 5.07 -16.15
CA SER A 312 1.77 5.13 -16.90
C SER A 312 1.65 5.88 -18.19
N PHE A 313 2.81 6.30 -18.70
CA PHE A 313 2.81 6.93 -19.96
C PHE A 313 2.34 5.97 -21.05
N GLU A 314 2.61 4.67 -20.87
CA GLU A 314 2.15 3.71 -21.85
C GLU A 314 0.62 3.55 -21.83
N VAL A 315 0.02 3.52 -20.66
CA VAL A 315 -1.44 3.48 -20.65
C VAL A 315 -2.02 4.77 -21.23
N LEU A 316 -1.37 5.93 -21.00
CA LEU A 316 -1.78 7.14 -21.72
C LEU A 316 -1.64 6.97 -23.23
N MET A 317 -0.58 6.32 -23.66
CA MET A 317 -0.41 6.08 -25.09
C MET A 317 -1.42 5.04 -25.57
N MET A 318 -1.64 4.00 -24.76
CA MET A 318 -2.59 2.92 -25.08
C MET A 318 -3.99 3.49 -25.29
N THR A 319 -4.36 4.55 -24.59
CA THR A 319 -5.71 5.10 -24.65
C THR A 319 -5.81 6.36 -25.48
N GLY A 320 -4.70 6.84 -26.05
CA GLY A 320 -4.71 8.02 -26.88
C GLY A 320 -4.73 9.31 -26.11
N LEU A 321 -4.29 9.28 -24.85
CA LEU A 321 -4.38 10.45 -23.95
C LEU A 321 -3.04 11.02 -23.52
N LEU A 322 -2.01 10.68 -24.25
CA LEU A 322 -0.73 11.31 -23.99
C LEU A 322 -0.82 12.81 -24.23
N PRO A 323 -0.23 13.62 -23.34
CA PRO A 323 -0.25 15.05 -23.57
C PRO A 323 0.60 15.43 -24.77
N ASP A 324 0.58 16.69 -25.13
CA ASP A 324 1.34 17.16 -26.27
C ASP A 324 2.85 17.20 -26.02
N LYS A 325 3.21 17.46 -24.78
CA LYS A 325 4.59 17.57 -24.43
C LYS A 325 4.87 17.00 -23.05
N VAL A 326 6.04 16.41 -22.93
CA VAL A 326 6.49 15.81 -21.69
C VAL A 326 7.89 16.35 -21.45
N GLY A 327 8.18 16.71 -20.21
CA GLY A 327 9.51 17.13 -19.83
C GLY A 327 9.67 17.06 -18.33
N GLY A 328 10.89 17.36 -17.87
CA GLY A 328 11.21 17.31 -16.46
C GLY A 328 12.35 16.35 -16.20
N VAL A 329 12.33 15.75 -15.01
CA VAL A 329 13.44 14.89 -14.64
C VAL A 329 13.42 13.60 -15.40
N ALA A 330 14.59 13.22 -15.85
CA ALA A 330 14.70 12.05 -16.68
C ALA A 330 14.43 10.72 -16.10
N SER A 331 13.97 9.80 -16.93
CA SER A 331 13.88 8.40 -16.55
C SER A 331 13.75 7.61 -17.84
N SER A 332 14.01 6.33 -17.75
CA SER A 332 13.93 5.47 -18.89
C SER A 332 12.52 5.44 -19.48
N LEU A 333 11.54 5.93 -18.74
CA LEU A 333 10.21 6.02 -19.31
C LEU A 333 10.20 6.82 -20.58
N TYR A 334 11.11 7.78 -20.69
CA TYR A 334 11.12 8.62 -21.87
C TYR A 334 11.39 7.82 -23.14
N PHE A 335 11.99 6.63 -23.01
CA PHE A 335 12.26 5.82 -24.19
C PHE A 335 10.98 5.41 -24.91
N SER A 336 9.89 5.25 -24.18
CA SER A 336 8.61 4.87 -24.77
C SER A 336 7.91 6.01 -25.54
N LEU A 337 8.36 7.25 -25.41
CA LEU A 337 7.56 8.39 -25.89
C LEU A 337 7.82 8.72 -27.36
N PRO A 338 6.79 9.12 -28.11
CA PRO A 338 7.03 9.65 -29.47
C PRO A 338 7.94 10.87 -29.45
N LYS A 339 8.79 10.97 -30.44
CA LYS A 339 9.77 12.04 -30.46
C LYS A 339 9.17 13.43 -30.41
N GLU A 340 8.06 13.61 -31.09
CA GLU A 340 7.46 14.93 -31.12
C GLU A 340 6.98 15.37 -29.75
N LYS A 341 6.84 14.44 -28.80
CA LYS A 341 6.28 14.82 -27.52
C LYS A 341 7.32 15.16 -26.48
N ILE A 342 8.57 14.92 -26.77
CA ILE A 342 9.63 15.09 -25.78
C ILE A 342 10.16 16.52 -25.89
N SER A 343 10.18 17.24 -24.78
CA SER A 343 10.65 18.62 -24.73
C SER A 343 12.11 18.58 -24.27
N HIS A 344 12.33 18.65 -22.96
CA HIS A 344 13.66 18.59 -22.37
C HIS A 344 13.66 17.60 -21.21
N ILE A 345 14.75 16.83 -21.13
CA ILE A 345 14.94 15.83 -20.10
C ILE A 345 16.11 16.26 -19.22
N ILE A 346 15.85 16.39 -17.93
CA ILE A 346 16.82 16.95 -17.01
C ILE A 346 17.41 15.83 -16.15
N PHE A 347 18.74 15.73 -16.14
CA PHE A 347 19.41 14.72 -15.36
C PHE A 347 19.93 15.31 -14.07
N THR A 348 19.69 14.61 -12.97
CA THR A 348 20.17 14.93 -11.65
C THR A 348 21.44 14.15 -11.33
N SER A 349 22.13 14.61 -10.30
CA SER A 349 23.42 14.06 -9.92
C SER A 349 23.29 12.70 -9.24
N ASN A 350 24.06 11.74 -9.71
CA ASN A 350 24.20 10.47 -9.01
C ASN A 350 25.60 9.91 -9.26
N LYS A 351 25.80 8.65 -8.84
CA LYS A 351 27.10 8.00 -8.97
C LYS A 351 27.59 7.98 -10.41
N GLN A 352 26.70 7.71 -11.36
CA GLN A 352 27.07 7.54 -12.76
C GLN A 352 26.97 8.84 -13.55
N VAL A 353 26.23 9.82 -13.06
CA VAL A 353 25.94 11.03 -13.83
C VAL A 353 26.26 12.24 -12.96
N LYS A 354 27.30 12.96 -13.37
CA LYS A 354 27.70 14.16 -12.67
C LYS A 354 27.80 15.35 -13.59
N SER A 355 27.32 15.21 -14.82
CA SER A 355 27.45 16.25 -15.82
C SER A 355 26.55 15.91 -17.00
N LYS A 356 26.37 16.92 -17.87
CA LYS A 356 25.63 16.68 -19.10
C LYS A 356 26.32 15.61 -19.95
N GLU A 357 27.64 15.64 -20.01
CA GLU A 357 28.38 14.65 -20.78
C GLU A 357 28.10 13.23 -20.27
N ASP A 358 28.06 13.06 -18.95
CA ASP A 358 27.70 11.75 -18.40
C ASP A 358 26.27 11.37 -18.79
N ALA A 359 25.36 12.32 -18.75
CA ALA A 359 23.97 12.02 -19.07
C ALA A 359 23.85 11.52 -20.50
N LEU A 360 24.61 12.11 -21.42
CA LEU A 360 24.56 11.70 -22.81
C LEU A 360 25.05 10.28 -22.97
N ASN A 361 25.80 9.75 -22.00
CA ASN A 361 26.30 8.39 -22.05
C ASN A 361 25.37 7.41 -21.33
N ASN A 362 24.27 7.91 -20.78
CA ASN A 362 23.31 7.03 -20.14
C ASN A 362 22.82 5.97 -21.14
N PRO A 363 22.59 4.74 -20.69
CA PRO A 363 22.32 3.66 -21.66
C PRO A 363 21.07 3.89 -22.50
N TYR A 364 19.95 4.31 -21.92
CA TYR A 364 18.78 4.52 -22.78
C TYR A 364 18.89 5.81 -23.58
N VAL A 365 19.60 6.82 -23.06
CA VAL A 365 19.84 8.03 -23.84
C VAL A 365 20.63 7.70 -25.10
N LYS A 366 21.57 6.80 -25.00
CA LYS A 366 22.33 6.42 -26.18
C LYS A 366 21.47 5.76 -27.25
N VAL A 367 20.60 4.86 -26.86
CA VAL A 367 19.68 4.27 -27.83
C VAL A 367 18.82 5.37 -28.46
N MET A 368 18.25 6.23 -27.62
CA MET A 368 17.38 7.27 -28.17
C MET A 368 18.15 8.22 -29.10
N ARG A 369 19.42 8.50 -28.78
CA ARG A 369 20.19 9.34 -29.66
C ARG A 369 20.46 8.65 -31.00
N ARG A 370 20.80 7.38 -30.96
CA ARG A 370 21.04 6.65 -32.21
C ARG A 370 19.80 6.68 -33.11
N LEU A 371 18.62 6.54 -32.50
CA LEU A 371 17.38 6.47 -33.27
C LEU A 371 16.85 7.83 -33.68
N GLY A 372 17.52 8.92 -33.28
CA GLY A 372 17.09 10.24 -33.65
C GLY A 372 15.91 10.74 -32.86
N ILE A 373 15.61 10.10 -31.73
CA ILE A 373 14.43 10.46 -30.94
C ILE A 373 14.67 11.75 -30.19
N ILE A 374 15.89 11.95 -29.70
CA ILE A 374 16.29 13.22 -29.11
C ILE A 374 17.60 13.72 -29.69
N ASP A 375 17.77 15.02 -29.59
CA ASP A 375 19.02 15.71 -29.84
C ASP A 375 19.71 15.95 -28.52
N GLU A 376 21.04 16.06 -28.57
CA GLU A 376 21.80 16.33 -27.35
C GLU A 376 21.31 17.58 -26.64
N SER A 377 20.78 18.55 -27.38
CA SER A 377 20.33 19.79 -26.75
C SER A 377 19.13 19.58 -25.86
N GLN A 378 18.42 18.47 -26.03
CA GLN A 378 17.28 18.19 -25.17
C GLN A 378 17.69 17.58 -23.85
N VAL A 379 18.96 17.27 -23.67
CA VAL A 379 19.47 16.69 -22.45
C VAL A 379 20.12 17.78 -21.62
N ILE A 380 19.60 18.00 -20.43
CA ILE A 380 20.00 19.09 -19.56
C ILE A 380 20.52 18.50 -18.25
N PHE A 381 21.63 19.03 -17.73
CA PHE A 381 22.03 18.67 -16.38
C PHE A 381 21.48 19.70 -15.39
N TRP A 382 20.94 19.20 -14.27
CA TRP A 382 20.02 19.98 -13.45
C TRP A 382 20.62 21.31 -12.96
N ASP A 383 21.88 21.31 -12.53
CA ASP A 383 22.38 22.53 -11.89
C ASP A 383 22.88 23.57 -12.89
N SER A 384 22.66 23.35 -14.21
CA SER A 384 22.89 24.39 -15.20
C SER A 384 21.78 25.43 -15.23
N LEU A 385 20.66 25.17 -14.57
CA LEU A 385 19.51 26.04 -14.59
C LEU A 385 19.52 26.94 -13.35
N LYS A 386 19.37 28.25 -13.58
CA LYS A 386 19.37 29.20 -12.49
C LYS A 386 18.09 29.11 -11.66
N GLN A 387 18.13 29.73 -10.49
CA GLN A 387 16.94 29.84 -9.65
C GLN A 387 15.95 30.81 -10.27
N LEU A 388 14.70 30.38 -10.40
CA LEU A 388 13.65 31.14 -11.04
C LEU A 388 12.41 31.06 -10.19
N GLY A 389 11.76 32.21 -9.96
CA GLY A 389 10.51 32.20 -9.24
C GLY A 389 9.37 31.67 -10.10
N GLY A 390 8.29 31.34 -9.42
CA GLY A 390 7.06 30.97 -10.09
C GLY A 390 6.28 32.20 -10.51
N GLY A 391 5.06 31.95 -10.99
CA GLY A 391 4.17 33.00 -11.41
C GLY A 391 2.96 33.05 -10.50
N LEU A 392 2.20 34.13 -10.64
CA LEU A 392 0.92 34.21 -9.95
C LEU A 392 -0.01 33.09 -10.38
N GLU A 393 0.18 32.53 -11.57
CA GLU A 393 -0.64 31.42 -12.06
C GLU A 393 -0.47 30.18 -11.20
N MET B 1 10.62 27.93 29.37
CA MET B 1 11.69 28.11 28.41
C MET B 1 12.09 26.79 27.72
N LYS B 2 11.54 25.68 28.20
CA LYS B 2 11.81 24.37 27.59
C LYS B 2 10.55 23.52 27.62
N THR B 3 10.25 22.88 26.50
CA THR B 3 9.14 21.95 26.40
C THR B 3 9.63 20.51 26.57
N ILE B 4 8.89 19.75 27.36
CA ILE B 4 9.11 18.32 27.51
C ILE B 4 7.85 17.60 27.05
N THR B 5 8.01 16.62 26.18
CA THR B 5 6.88 15.85 25.67
C THR B 5 6.81 14.51 26.38
N LEU B 6 5.61 14.16 26.83
CA LEU B 6 5.32 12.93 27.54
C LEU B 6 4.32 12.10 26.72
N TYR B 7 4.68 10.85 26.49
CA TYR B 7 3.90 9.89 25.72
C TYR B 7 3.49 8.76 26.67
N LEU B 8 2.23 8.74 27.10
CA LEU B 8 1.76 7.80 28.09
C LEU B 8 0.59 6.97 27.56
N ASP B 9 0.73 5.64 27.65
CA ASP B 9 -0.35 4.73 27.28
C ASP B 9 -0.10 3.33 27.77
N PRO B 10 -1.01 2.74 28.55
CA PRO B 10 -0.86 1.32 28.92
C PRO B 10 -1.30 0.35 27.84
N ALA B 11 -1.96 0.84 26.79
CA ALA B 11 -2.66 0.01 25.83
C ALA B 11 -1.96 0.02 24.47
N SER B 12 -2.71 0.01 23.38
CA SER B 12 -2.11 -0.09 22.04
C SER B 12 -2.39 1.12 21.17
N LEU B 13 -3.67 1.49 20.97
CA LEU B 13 -3.98 2.45 19.93
C LEU B 13 -3.46 3.84 20.23
N PRO B 14 -3.58 4.35 21.47
CA PRO B 14 -2.94 5.66 21.75
C PRO B 14 -1.43 5.60 21.52
N ALA B 15 -0.79 4.50 21.93
CA ALA B 15 0.65 4.39 21.72
C ALA B 15 1.00 4.43 20.24
N LEU B 16 0.21 3.76 19.39
CA LEU B 16 0.46 3.81 17.95
C LEU B 16 0.40 5.24 17.41
N ASN B 17 -0.55 6.02 17.92
CA ASN B 17 -0.64 7.41 17.52
C ASN B 17 0.50 8.24 18.09
N GLN B 18 0.89 7.94 19.33
CA GLN B 18 1.98 8.68 19.95
C GLN B 18 3.32 8.34 19.31
N LEU B 19 3.53 7.07 18.94
CA LEU B 19 4.75 6.73 18.22
C LEU B 19 4.77 7.40 16.85
N MET B 20 3.60 7.64 16.26
CA MET B 20 3.57 8.39 15.02
C MET B 20 3.93 9.85 15.28
N ASP B 21 3.42 10.43 16.36
CA ASP B 21 3.82 11.78 16.70
C ASP B 21 5.33 11.88 16.86
N PHE B 22 5.94 10.95 17.58
CA PHE B 22 7.39 10.93 17.76
C PHE B 22 8.07 10.85 16.39
N THR B 23 7.62 9.94 15.54
CA THR B 23 8.21 9.80 14.21
C THR B 23 8.11 11.10 13.42
N GLN B 24 6.93 11.74 13.43
CA GLN B 24 6.76 13.00 12.72
C GLN B 24 7.78 14.06 13.15
N ASN B 25 8.16 14.05 14.42
CA ASN B 25 9.07 15.02 14.98
C ASN B 25 10.50 14.49 15.08
N ASN B 26 10.81 13.38 14.39
CA ASN B 26 12.04 12.64 14.70
C ASN B 26 13.29 13.27 14.08
N GLU B 27 13.15 14.32 13.28
CA GLU B 27 14.31 15.08 12.84
C GLU B 27 14.93 15.88 13.99
N ASP B 28 14.14 16.21 15.01
CA ASP B 28 14.64 16.85 16.21
C ASP B 28 15.20 15.80 17.16
N LYS B 29 16.53 15.74 17.28
CA LYS B 29 17.17 14.66 18.01
C LYS B 29 17.37 14.94 19.49
N THR B 30 17.06 16.14 19.98
CA THR B 30 17.40 16.50 21.35
C THR B 30 16.20 16.98 22.14
N HIS B 31 15.01 16.98 21.55
CA HIS B 31 13.82 17.44 22.27
C HIS B 31 13.56 16.50 23.43
N PRO B 32 13.37 17.01 24.66
CA PRO B 32 13.19 16.11 25.79
C PRO B 32 11.88 15.35 25.65
N ARG B 33 11.96 14.05 25.81
CA ARG B 33 10.86 13.11 25.58
C ARG B 33 10.84 12.06 26.67
N ILE B 34 9.63 11.71 27.13
CA ILE B 34 9.43 10.73 28.17
C ILE B 34 8.39 9.74 27.65
N PHE B 35 8.79 8.49 27.49
CA PHE B 35 7.93 7.44 26.96
C PHE B 35 7.49 6.52 28.08
N GLY B 36 6.18 6.40 28.26
CA GLY B 36 5.57 5.44 29.15
C GLY B 36 4.52 4.67 28.38
N LEU B 37 5.01 3.87 27.44
CA LEU B 37 4.17 3.08 26.53
C LEU B 37 4.38 1.62 26.92
N SER B 38 3.48 1.08 27.76
CA SER B 38 3.73 -0.23 28.37
C SER B 38 3.85 -1.35 27.37
N ARG B 39 3.19 -1.26 26.21
CA ARG B 39 3.20 -2.36 25.26
C ARG B 39 4.29 -2.27 24.19
N PHE B 40 5.08 -1.20 24.17
CA PHE B 40 6.02 -0.95 23.09
C PHE B 40 7.42 -0.74 23.64
N LYS B 41 8.34 -1.56 23.20
CA LYS B 41 9.76 -1.44 23.50
C LYS B 41 10.44 -0.75 22.32
N ILE B 42 10.95 0.45 22.53
CA ILE B 42 11.68 1.13 21.45
C ILE B 42 13.08 0.52 21.34
N PRO B 43 13.51 0.11 20.15
CA PRO B 43 14.82 -0.56 20.07
C PRO B 43 15.98 0.34 20.43
N ASP B 44 17.02 -0.29 21.01
CA ASP B 44 18.24 0.43 21.36
C ASP B 44 18.79 1.25 20.22
N ASN B 45 18.81 0.70 19.01
CA ASN B 45 19.45 1.44 17.94
C ASN B 45 18.59 2.57 17.39
N ILE B 46 17.36 2.73 17.89
CA ILE B 46 16.62 3.98 17.73
C ILE B 46 16.92 4.93 18.88
N ILE B 47 16.86 4.42 20.11
CA ILE B 47 17.04 5.27 21.29
C ILE B 47 18.37 6.01 21.24
N THR B 48 19.45 5.33 20.84
CA THR B 48 20.76 5.95 20.90
C THR B 48 20.95 7.04 19.85
N GLN B 49 19.99 7.18 18.93
CA GLN B 49 19.99 8.30 18.02
C GLN B 49 19.56 9.60 18.67
N TYR B 50 19.00 9.54 19.88
CA TYR B 50 18.35 10.70 20.50
C TYR B 50 19.01 11.04 21.81
N GLN B 51 19.00 12.34 22.12
CA GLN B 51 19.43 12.83 23.41
C GLN B 51 18.19 13.27 24.19
N ASN B 52 18.31 13.26 25.51
CA ASN B 52 17.24 13.78 26.37
C ASN B 52 15.97 12.95 26.19
N ILE B 53 16.15 11.65 25.96
CA ILE B 53 15.07 10.68 25.80
C ILE B 53 15.03 9.81 27.05
N HIS B 54 13.83 9.66 27.62
CA HIS B 54 13.66 8.96 28.87
C HIS B 54 12.49 7.98 28.78
N PHE B 55 12.51 7.00 29.67
CA PHE B 55 11.51 5.93 29.76
C PHE B 55 11.02 5.76 31.19
N VAL B 56 9.71 5.55 31.33
CA VAL B 56 9.10 5.31 32.63
C VAL B 56 8.13 4.14 32.48
N GLU B 57 7.97 3.40 33.56
CA GLU B 57 6.98 2.34 33.64
C GLU B 57 5.64 2.88 34.13
N LEU B 58 4.57 2.21 33.73
CA LEU B 58 3.25 2.44 34.24
C LEU B 58 2.87 1.32 35.20
N LYS B 59 2.22 1.68 36.28
CA LYS B 59 1.60 0.72 37.20
C LYS B 59 0.26 1.28 37.61
N ASP B 60 -0.78 0.45 37.58
CA ASP B 60 -2.14 0.91 37.89
C ASP B 60 -2.50 2.12 37.02
N ASN B 61 -2.12 2.04 35.75
CA ASN B 61 -2.45 3.07 34.76
C ASN B 61 -1.90 4.44 35.12
N ARG B 62 -0.74 4.50 35.79
CA ARG B 62 -0.10 5.79 36.12
C ARG B 62 1.41 5.64 36.04
N PRO B 63 2.12 6.66 35.57
CA PRO B 63 3.59 6.63 35.64
C PRO B 63 4.03 6.49 37.09
N THR B 64 5.10 5.75 37.29
CA THR B 64 5.65 5.62 38.63
C THR B 64 6.37 6.88 39.02
N GLU B 65 6.79 6.93 40.28
CA GLU B 65 7.55 8.08 40.79
C GLU B 65 8.89 8.27 40.08
N ALA B 66 9.36 7.28 39.30
CA ALA B 66 10.51 7.53 38.44
C ALA B 66 10.31 8.75 37.54
N LEU B 67 9.05 9.06 37.21
CA LEU B 67 8.75 10.25 36.43
C LEU B 67 9.33 11.50 37.08
N PHE B 68 9.20 11.58 38.41
CA PHE B 68 9.68 12.75 39.13
C PHE B 68 11.21 12.86 39.05
N THR B 69 11.91 11.73 39.13
CA THR B 69 13.37 11.75 38.98
C THR B 69 13.78 12.30 37.61
N ILE B 70 13.06 11.91 36.57
CA ILE B 70 13.35 12.41 35.23
C ILE B 70 13.08 13.90 35.14
N LEU B 71 11.90 14.33 35.58
CA LEU B 71 11.57 15.74 35.48
C LEU B 71 12.51 16.61 36.31
N ASP B 72 13.00 16.09 37.44
CA ASP B 72 13.97 16.86 38.23
C ASP B 72 15.25 17.16 37.46
N GLN B 73 15.55 16.40 36.41
CA GLN B 73 16.72 16.70 35.59
C GLN B 73 16.58 17.95 34.74
N TYR B 74 15.41 18.59 34.74
CA TYR B 74 15.14 19.80 33.97
C TYR B 74 14.72 20.88 34.97
N PRO B 75 15.67 21.61 35.55
CA PRO B 75 15.39 22.39 36.76
C PRO B 75 14.85 23.81 36.58
N GLY B 76 14.78 24.34 35.37
CA GLY B 76 14.23 25.66 35.15
C GLY B 76 12.73 25.67 34.89
N ASN B 77 12.30 26.65 34.10
CA ASN B 77 10.91 26.72 33.65
C ASN B 77 10.66 25.72 32.54
N ILE B 78 9.67 24.86 32.74
CA ILE B 78 9.37 23.81 31.77
C ILE B 78 7.86 23.79 31.50
N GLU B 79 7.52 23.50 30.26
CA GLU B 79 6.15 23.28 29.81
C GLU B 79 6.02 21.85 29.34
N LEU B 80 4.90 21.22 29.66
CA LEU B 80 4.69 19.79 29.40
C LEU B 80 3.69 19.65 28.26
N ASN B 81 4.09 18.94 27.23
CA ASN B 81 3.24 18.57 26.11
C ASN B 81 2.89 17.10 26.32
N ILE B 82 1.63 16.78 26.61
CA ILE B 82 1.27 15.51 27.20
C ILE B 82 0.32 14.76 26.27
N HIS B 83 0.66 13.50 25.99
CA HIS B 83 -0.17 12.62 25.18
C HIS B 83 -0.69 11.46 26.01
N LEU B 84 -2.00 11.25 25.96
CA LEU B 84 -2.67 10.30 26.83
C LEU B 84 -3.67 9.42 26.09
N ASN B 85 -3.95 8.30 26.73
CA ASN B 85 -5.13 7.45 26.49
C ASN B 85 -6.34 8.08 27.14
N ILE B 86 -7.42 8.26 26.36
CA ILE B 86 -8.63 8.95 26.88
C ILE B 86 -9.22 8.16 28.05
N ALA B 87 -9.50 6.88 27.84
CA ALA B 87 -10.13 6.09 28.91
C ALA B 87 -9.38 6.22 30.23
N HIS B 88 -8.06 6.22 30.18
CA HIS B 88 -7.23 6.21 31.38
C HIS B 88 -6.63 7.56 31.71
N SER B 89 -7.14 8.63 31.08
CA SER B 89 -6.47 9.92 31.19
C SER B 89 -6.42 10.43 32.63
N VAL B 90 -7.48 10.23 33.40
CA VAL B 90 -7.52 10.78 34.75
C VAL B 90 -6.43 10.16 35.60
N GLN B 91 -6.25 8.85 35.48
CA GLN B 91 -5.22 8.16 36.24
C GLN B 91 -3.82 8.50 35.73
N LEU B 92 -3.66 8.52 34.40
CA LEU B 92 -2.33 8.68 33.84
C LEU B 92 -1.74 10.03 34.19
N ILE B 93 -2.56 11.08 34.24
CA ILE B 93 -2.06 12.43 34.47
C ILE B 93 -1.83 12.73 35.94
N ARG B 94 -2.31 11.87 36.83
CA ARG B 94 -2.30 12.24 38.24
C ARG B 94 -0.89 12.57 38.73
N PRO B 95 0.15 11.78 38.44
CA PRO B 95 1.48 12.16 38.95
C PRO B 95 2.01 13.43 38.29
N ILE B 96 1.63 13.69 37.04
CA ILE B 96 2.02 14.94 36.39
C ILE B 96 1.41 16.12 37.14
N LEU B 97 0.12 16.03 37.49
CA LEU B 97 -0.53 17.10 38.23
C LEU B 97 0.13 17.29 39.59
N ALA B 98 0.53 16.20 40.23
CA ALA B 98 1.22 16.29 41.51
C ALA B 98 2.53 17.05 41.39
N TYR B 99 3.30 16.79 40.34
CA TYR B 99 4.56 17.47 40.12
C TYR B 99 4.33 18.94 39.78
N ARG B 100 3.35 19.22 38.93
CA ARG B 100 3.00 20.61 38.60
C ARG B 100 2.61 21.36 39.85
N PHE B 101 1.80 20.72 40.71
CA PHE B 101 1.37 21.37 41.94
C PHE B 101 2.55 21.73 42.83
N LYS B 102 3.48 20.79 43.00
CA LYS B 102 4.64 21.04 43.81
C LYS B 102 5.50 22.15 43.24
N HIS B 103 5.55 22.30 41.93
CA HIS B 103 6.42 23.25 41.25
C HIS B 103 5.62 24.22 40.40
N LEU B 104 4.52 24.74 40.94
CA LEU B 104 3.61 25.55 40.15
C LEU B 104 4.25 26.84 39.66
N ASP B 105 5.37 27.24 40.26
CA ASP B 105 6.07 28.45 39.87
C ASP B 105 6.89 28.27 38.61
N ARG B 106 7.19 27.03 38.22
CA ARG B 106 8.03 26.82 37.04
C ARG B 106 7.58 25.69 36.12
N VAL B 107 6.56 24.92 36.48
CA VAL B 107 6.05 23.85 35.65
C VAL B 107 4.65 24.21 35.18
N SER B 108 4.41 24.16 33.89
CA SER B 108 3.10 24.41 33.34
C SER B 108 2.77 23.35 32.30
N ILE B 109 1.49 23.26 31.98
CA ILE B 109 0.99 22.32 30.99
C ILE B 109 0.72 23.09 29.72
N GLN B 110 1.46 22.73 28.67
CA GLN B 110 1.31 23.39 27.39
C GLN B 110 0.02 22.96 26.73
N GLN B 111 -0.20 21.65 26.63
CA GLN B 111 -1.37 21.12 25.96
C GLN B 111 -1.46 19.62 26.22
N LEU B 112 -2.67 19.09 26.03
CA LEU B 112 -2.93 17.67 25.99
C LEU B 112 -3.37 17.24 24.61
N ASN B 113 -2.97 16.05 24.23
CA ASN B 113 -3.50 15.30 23.10
C ASN B 113 -3.95 13.96 23.60
N LEU B 114 -5.21 13.62 23.36
CA LEU B 114 -5.81 12.43 23.93
C LEU B 114 -6.36 11.55 22.80
N TYR B 115 -6.14 10.24 22.93
CA TYR B 115 -6.47 9.30 21.87
C TYR B 115 -7.26 8.14 22.45
N ASP B 116 -8.23 7.64 21.68
CA ASP B 116 -9.05 6.50 22.11
C ASP B 116 -8.22 5.25 22.36
N ASN B 117 -8.48 4.61 23.50
CA ASN B 117 -8.08 3.24 23.74
C ASN B 117 -8.62 2.34 22.66
N GLY B 118 -9.90 2.47 22.34
CA GLY B 118 -10.57 1.65 21.36
C GLY B 118 -12.06 1.67 21.51
N SER B 119 -12.70 0.51 21.38
CA SER B 119 -14.14 0.43 21.61
C SER B 119 -14.49 0.81 23.04
N MET B 120 -13.53 0.75 23.97
CA MET B 120 -13.90 0.87 25.38
C MET B 120 -14.52 2.23 25.68
N GLU B 121 -14.01 3.29 25.07
CA GLU B 121 -14.58 4.62 25.34
C GLU B 121 -16.06 4.67 24.93
N TYR B 122 -16.41 4.01 23.83
CA TYR B 122 -17.75 4.05 23.24
C TYR B 122 -18.70 3.12 24.00
N VAL B 123 -18.23 1.93 24.35
CA VAL B 123 -19.01 1.06 25.24
C VAL B 123 -19.31 1.79 26.55
N ASP B 124 -18.32 2.54 27.07
CA ASP B 124 -18.50 3.22 28.33
C ASP B 124 -19.50 4.36 28.20
N LEU B 125 -19.40 5.13 27.11
CA LEU B 125 -20.34 6.24 26.92
C LEU B 125 -21.77 5.73 26.77
N GLU B 126 -21.95 4.57 26.13
CA GLU B 126 -23.30 4.01 26.00
C GLU B 126 -23.96 3.79 27.34
N LYS B 127 -23.17 3.50 28.38
CA LYS B 127 -23.74 3.26 29.71
C LYS B 127 -24.24 4.54 30.33
N GLU B 128 -23.97 5.69 29.70
CA GLU B 128 -24.43 6.99 30.19
C GLU B 128 -25.64 7.51 29.43
N GLU B 129 -26.31 6.66 28.64
CA GLU B 129 -27.36 7.11 27.73
C GLU B 129 -28.55 7.74 28.46
N ASN B 130 -28.76 7.38 29.72
CA ASN B 130 -29.90 7.87 30.49
C ASN B 130 -29.52 8.95 31.48
N LYS B 131 -28.33 9.50 31.36
CA LYS B 131 -27.92 10.57 32.24
C LYS B 131 -28.09 11.90 31.52
N ASP B 132 -28.09 12.97 32.34
CA ASP B 132 -28.20 14.34 31.87
C ASP B 132 -26.78 14.80 31.55
N ILE B 133 -26.39 14.68 30.28
CA ILE B 133 -25.00 14.86 29.92
C ILE B 133 -24.58 16.33 30.13
N SER B 134 -25.48 17.28 29.86
CA SER B 134 -25.13 18.66 30.17
C SER B 134 -24.75 18.83 31.64
N ALA B 135 -25.55 18.27 32.56
CA ALA B 135 -25.26 18.41 33.96
C ALA B 135 -24.02 17.61 34.39
N GLU B 136 -23.79 16.46 33.76
CA GLU B 136 -22.59 15.70 34.09
C GLU B 136 -21.32 16.45 33.68
N ILE B 137 -21.36 17.15 32.54
CA ILE B 137 -20.19 17.94 32.13
C ILE B 137 -19.88 19.01 33.18
N LYS B 138 -20.90 19.75 33.59
CA LYS B 138 -20.66 20.87 34.50
C LYS B 138 -20.10 20.37 35.83
N GLN B 139 -20.67 19.28 36.35
CA GLN B 139 -20.19 18.69 37.59
C GLN B 139 -18.76 18.20 37.45
N ALA B 140 -18.45 17.53 36.33
CA ALA B 140 -17.08 17.04 36.12
C ALA B 140 -16.08 18.18 36.05
N GLU B 141 -16.45 19.30 35.43
CA GLU B 141 -15.55 20.45 35.40
C GLU B 141 -15.26 20.98 36.80
N LYS B 142 -16.28 21.03 37.66
CA LYS B 142 -16.05 21.52 39.01
C LYS B 142 -15.15 20.57 39.76
N GLN B 143 -15.40 19.28 39.61
CA GLN B 143 -14.58 18.29 40.28
C GLN B 143 -13.16 18.28 39.75
N LEU B 144 -12.98 18.48 38.44
CA LEU B 144 -11.65 18.53 37.90
C LEU B 144 -10.87 19.70 38.46
N SER B 145 -11.52 20.85 38.60
CA SER B 145 -10.83 22.02 39.14
C SER B 145 -10.17 21.71 40.48
N HIS B 146 -10.85 20.90 41.32
CA HIS B 146 -10.23 20.52 42.58
C HIS B 146 -9.19 19.44 42.41
N TYR B 147 -9.42 18.52 41.47
CA TYR B 147 -8.47 17.43 41.22
C TYR B 147 -7.11 17.95 40.79
N LEU B 148 -7.09 19.09 40.11
CA LEU B 148 -5.84 19.67 39.61
C LEU B 148 -4.91 20.09 40.73
N LEU B 149 -5.44 20.38 41.91
CA LEU B 149 -4.64 20.78 43.05
C LEU B 149 -4.21 19.60 43.89
N THR B 150 -4.17 18.40 43.33
CA THR B 150 -3.94 17.17 44.09
C THR B 150 -5.06 16.90 45.09
N GLY B 151 -6.18 17.63 44.97
CA GLY B 151 -7.35 17.37 45.79
C GLY B 151 -7.73 15.90 45.74
N LYS B 152 -8.28 15.38 46.84
CA LYS B 152 -8.69 13.98 46.91
C LYS B 152 -10.09 13.91 46.32
N ILE B 153 -10.15 13.73 45.00
CA ILE B 153 -11.39 13.87 44.25
C ILE B 153 -11.84 12.51 43.73
N LYS B 154 -13.10 12.17 43.99
CA LYS B 154 -13.78 11.02 43.39
C LYS B 154 -14.82 11.59 42.42
N PHE B 155 -14.57 11.40 41.12
CA PHE B 155 -15.47 11.95 40.12
C PHE B 155 -16.81 11.23 40.16
N ASP B 156 -17.89 12.01 40.15
CA ASP B 156 -19.24 11.47 40.06
C ASP B 156 -19.39 10.61 38.81
N ASN B 157 -18.85 11.08 37.69
CA ASN B 157 -19.01 10.40 36.41
C ASN B 157 -17.63 10.26 35.78
N PRO B 158 -16.93 9.17 36.09
CA PRO B 158 -15.56 9.02 35.56
C PRO B 158 -15.51 8.98 34.04
N THR B 159 -16.56 8.48 33.38
CA THR B 159 -16.58 8.43 31.93
C THR B 159 -16.65 9.84 31.32
N ILE B 160 -17.57 10.67 31.80
CA ILE B 160 -17.69 12.01 31.26
C ILE B 160 -16.49 12.85 31.66
N ALA B 161 -15.90 12.62 32.84
CA ALA B 161 -14.70 13.33 33.26
C ALA B 161 -13.58 13.23 32.24
N ARG B 162 -13.51 12.13 31.50
CA ARG B 162 -12.48 11.98 30.48
C ARG B 162 -12.54 13.06 29.43
N TYR B 163 -13.65 13.81 29.34
CA TYR B 163 -13.91 14.73 28.23
C TYR B 163 -13.98 16.20 28.63
N VAL B 164 -13.60 16.55 29.86
CA VAL B 164 -13.72 17.94 30.29
C VAL B 164 -12.37 18.60 30.49
N TRP B 165 -11.29 18.04 29.91
CA TRP B 165 -9.97 18.60 30.10
C TRP B 165 -9.85 20.02 29.56
N GLN B 166 -10.68 20.42 28.60
CA GLN B 166 -10.59 21.79 28.08
C GLN B 166 -10.96 22.83 29.12
N SER B 167 -11.59 22.45 30.22
CA SER B 167 -11.85 23.42 31.29
C SER B 167 -10.59 23.77 32.08
N ALA B 168 -9.50 23.07 31.86
CA ALA B 168 -8.22 23.30 32.53
C ALA B 168 -7.08 23.62 31.57
N PHE B 169 -7.01 22.96 30.42
CA PHE B 169 -5.84 23.01 29.55
C PHE B 169 -6.26 23.11 28.10
N PRO B 170 -5.37 23.58 27.22
CA PRO B 170 -5.58 23.36 25.79
C PRO B 170 -5.54 21.88 25.50
N VAL B 171 -6.51 21.40 24.74
N VAL B 171 -6.49 21.40 24.70
CA VAL B 171 -6.63 19.97 24.48
CA VAL B 171 -6.66 19.97 24.48
C VAL B 171 -7.08 19.70 23.07
C VAL B 171 -7.09 19.70 23.06
N LYS B 172 -6.67 18.53 22.56
CA LYS B 172 -7.17 17.98 21.31
C LYS B 172 -7.44 16.50 21.52
N TYR B 173 -8.65 16.07 21.18
CA TYR B 173 -9.06 14.67 21.23
C TYR B 173 -9.03 14.08 19.83
N HIS B 174 -8.58 12.84 19.76
CA HIS B 174 -8.49 12.09 18.52
C HIS B 174 -9.36 10.85 18.64
N PHE B 175 -10.47 10.82 17.88
CA PHE B 175 -11.52 9.86 18.09
C PHE B 175 -11.54 8.80 16.98
N LEU B 176 -11.71 7.56 17.39
CA LEU B 176 -12.03 6.49 16.44
C LEU B 176 -13.32 6.77 15.68
N SER B 177 -14.34 7.29 16.37
CA SER B 177 -15.66 7.50 15.77
C SER B 177 -16.15 8.89 16.14
N THR B 178 -15.95 9.86 15.25
CA THR B 178 -16.63 11.14 15.38
C THR B 178 -18.12 10.99 15.10
N ASP B 179 -18.50 10.05 14.22
CA ASP B 179 -19.92 9.82 13.96
C ASP B 179 -20.67 9.51 15.25
N TYR B 180 -20.08 8.72 16.15
CA TYR B 180 -20.76 8.40 17.39
C TYR B 180 -21.14 9.66 18.14
N PHE B 181 -20.20 10.59 18.28
CA PHE B 181 -20.44 11.83 19.02
C PHE B 181 -21.42 12.72 18.29
N GLU B 182 -21.48 12.61 16.96
CA GLU B 182 -22.31 13.48 16.15
C GLU B 182 -23.70 12.92 15.90
N LYS B 183 -23.91 11.62 16.10
CA LYS B 183 -25.22 10.99 15.84
C LYS B 183 -25.93 10.47 17.08
N ALA B 184 -25.25 10.33 18.21
CA ALA B 184 -25.88 9.90 19.45
C ALA B 184 -26.60 11.09 20.06
N GLU B 185 -27.93 11.08 20.06
CA GLU B 185 -28.67 12.26 20.49
C GLU B 185 -28.34 12.65 21.92
N PHE B 186 -28.22 11.68 22.82
CA PHE B 186 -27.98 12.01 24.22
C PHE B 186 -26.62 12.69 24.43
N LEU B 187 -25.70 12.50 23.49
CA LEU B 187 -24.38 13.12 23.61
C LEU B 187 -24.31 14.48 22.95
N GLN B 188 -25.41 15.00 22.42
CA GLN B 188 -25.34 16.29 21.74
C GLN B 188 -24.78 17.39 22.65
N PRO B 189 -25.08 17.43 23.95
CA PRO B 189 -24.46 18.46 24.79
C PRO B 189 -22.95 18.31 24.84
N LEU B 190 -22.46 17.08 24.79
CA LEU B 190 -21.00 16.87 24.82
C LEU B 190 -20.37 17.22 23.49
N LYS B 191 -20.99 16.82 22.38
CA LYS B 191 -20.47 17.20 21.07
C LYS B 191 -20.38 18.71 20.94
N GLU B 192 -21.40 19.45 21.37
CA GLU B 192 -21.36 20.90 21.25
C GLU B 192 -20.32 21.49 22.22
N TYR B 193 -20.24 20.94 23.43
CA TYR B 193 -19.25 21.39 24.40
C TYR B 193 -17.83 21.27 23.87
N LEU B 194 -17.51 20.12 23.29
CA LEU B 194 -16.16 19.90 22.79
C LEU B 194 -15.81 20.83 21.64
N ALA B 195 -16.81 21.35 20.92
CA ALA B 195 -16.58 22.38 19.92
C ALA B 195 -15.50 21.94 18.94
N GLU B 196 -14.44 22.73 18.76
CA GLU B 196 -13.40 22.40 17.80
C GLU B 196 -12.23 21.62 18.41
N ASN B 197 -12.42 21.01 19.58
CA ASN B 197 -11.35 20.36 20.30
C ASN B 197 -11.21 18.87 19.97
N TYR B 198 -11.93 18.37 18.97
CA TYR B 198 -11.81 16.96 18.57
C TYR B 198 -11.72 16.84 17.06
N GLN B 199 -11.11 15.73 16.64
CA GLN B 199 -11.01 15.41 15.23
C GLN B 199 -10.95 13.89 15.12
N LYS B 200 -11.21 13.39 13.91
CA LYS B 200 -11.08 11.97 13.66
C LYS B 200 -9.62 11.56 13.74
N MET B 201 -9.39 10.32 14.18
CA MET B 201 -8.04 9.78 14.21
C MET B 201 -7.40 9.91 12.83
N ASP B 202 -6.15 10.38 12.80
CA ASP B 202 -5.38 10.62 11.58
C ASP B 202 -4.75 9.33 11.07
N TRP B 203 -5.51 8.58 10.28
CA TRP B 203 -5.03 7.32 9.74
C TRP B 203 -4.11 7.50 8.54
N THR B 204 -3.98 8.71 8.01
CA THR B 204 -3.16 8.95 6.82
C THR B 204 -1.85 9.64 7.16
N ALA B 205 -1.52 9.82 8.45
CA ALA B 205 -0.28 10.48 8.81
C ALA B 205 0.92 9.77 8.20
N TYR B 206 0.88 8.44 8.15
CA TYR B 206 2.00 7.67 7.63
C TYR B 206 2.33 8.03 6.18
N GLN B 207 1.31 8.35 5.39
CA GLN B 207 1.56 8.69 3.98
C GLN B 207 2.23 10.05 3.83
N GLN B 208 2.22 10.88 4.86
CA GLN B 208 2.88 12.18 4.81
C GLN B 208 4.27 12.15 5.39
N LEU B 209 4.68 11.02 5.96
CA LEU B 209 6.05 10.86 6.44
C LEU B 209 7.03 10.72 5.27
N THR B 210 8.28 11.05 5.55
CA THR B 210 9.34 10.69 4.62
C THR B 210 9.48 9.17 4.53
N PRO B 211 10.08 8.65 3.46
CA PRO B 211 10.37 7.21 3.44
C PRO B 211 11.20 6.75 4.62
N GLU B 212 12.16 7.58 5.05
CA GLU B 212 12.99 7.20 6.18
C GLU B 212 12.15 7.10 7.45
N GLN B 213 11.23 8.04 7.63
CA GLN B 213 10.33 8.03 8.77
C GLN B 213 9.34 6.89 8.69
N GLN B 214 8.94 6.48 7.48
CA GLN B 214 8.06 5.32 7.38
C GLN B 214 8.76 4.07 7.89
N ALA B 215 10.00 3.85 7.47
CA ALA B 215 10.76 2.69 7.97
C ALA B 215 10.94 2.77 9.47
N PHE B 216 11.20 3.96 9.98
CA PHE B 216 11.35 4.21 11.42
C PHE B 216 10.08 3.82 12.17
N TYR B 217 8.93 4.25 11.66
CA TYR B 217 7.67 3.91 12.29
C TYR B 217 7.44 2.41 12.30
N LEU B 218 7.66 1.74 11.15
CA LEU B 218 7.48 0.29 11.08
C LEU B 218 8.37 -0.42 12.10
N THR B 219 9.57 0.08 12.32
CA THR B 219 10.44 -0.50 13.33
C THR B 219 9.88 -0.28 14.73
N LEU B 220 9.40 0.93 15.02
CA LEU B 220 8.81 1.20 16.34
C LEU B 220 7.66 0.26 16.66
N VAL B 221 6.84 -0.07 15.66
CA VAL B 221 5.66 -0.89 15.89
C VAL B 221 5.88 -2.37 15.57
N GLY B 222 7.09 -2.75 15.18
CA GLY B 222 7.39 -4.16 14.98
C GLY B 222 6.80 -4.77 13.73
N PHE B 223 6.65 -3.96 12.69
CA PHE B 223 6.06 -4.37 11.42
C PHE B 223 7.19 -4.57 10.43
N ASN B 224 7.59 -5.82 10.23
CA ASN B 224 8.77 -6.08 9.41
C ASN B 224 8.42 -6.14 7.92
N ASP B 225 9.46 -6.07 7.09
CA ASP B 225 9.26 -5.87 5.66
C ASP B 225 8.66 -7.10 4.99
N GLU B 226 8.91 -8.30 5.53
CA GLU B 226 8.41 -9.52 4.88
C GLU B 226 6.88 -9.56 4.90
N VAL B 227 6.29 -9.42 6.09
CA VAL B 227 4.83 -9.40 6.20
C VAL B 227 4.26 -8.19 5.47
N LYS B 228 4.93 -7.04 5.56
CA LYS B 228 4.50 -5.86 4.81
C LYS B 228 4.42 -6.15 3.32
N GLN B 229 5.50 -6.67 2.73
CA GLN B 229 5.45 -6.96 1.30
C GLN B 229 4.29 -7.90 0.98
N SER B 230 4.04 -8.88 1.85
CA SER B 230 2.96 -9.83 1.57
C SER B 230 1.60 -9.13 1.53
N LEU B 231 1.45 -8.05 2.29
CA LEU B 231 0.20 -7.31 2.30
C LEU B 231 0.10 -6.30 1.18
N GLU B 232 1.11 -6.21 0.30
CA GLU B 232 1.10 -5.24 -0.78
C GLU B 232 0.82 -5.89 -2.13
N VAL B 233 0.55 -7.19 -2.15
CA VAL B 233 0.27 -7.91 -3.39
C VAL B 233 -0.98 -7.34 -4.05
N GLN B 234 -0.96 -7.24 -5.38
CA GLN B 234 -2.08 -6.70 -6.15
C GLN B 234 -3.08 -7.81 -6.45
N GLN B 235 -3.74 -8.24 -5.37
CA GLN B 235 -4.76 -9.27 -5.44
C GLN B 235 -5.75 -8.95 -4.32
N ALA B 236 -6.98 -9.42 -4.47
CA ALA B 236 -7.94 -9.31 -3.38
C ALA B 236 -7.41 -10.05 -2.16
N LYS B 237 -7.61 -9.46 -0.97
CA LYS B 237 -7.06 -9.94 0.27
C LYS B 237 -8.12 -10.04 1.36
N PHE B 238 -8.09 -11.17 2.08
CA PHE B 238 -9.01 -11.47 3.17
C PHE B 238 -8.19 -11.89 4.37
N ILE B 239 -8.47 -11.31 5.54
CA ILE B 239 -7.81 -11.68 6.79
C ILE B 239 -8.84 -12.37 7.68
N PHE B 240 -8.54 -13.59 8.10
CA PHE B 240 -9.39 -14.35 9.03
C PHE B 240 -8.92 -14.13 10.45
N THR B 241 -9.84 -13.75 11.32
CA THR B 241 -9.51 -13.44 12.71
C THR B 241 -9.71 -14.69 13.56
N GLY B 242 -8.61 -15.21 14.11
CA GLY B 242 -8.72 -16.40 14.91
C GLY B 242 -9.01 -16.11 16.39
N THR B 243 -9.22 -17.19 17.13
CA THR B 243 -9.46 -17.11 18.57
C THR B 243 -8.67 -18.24 19.24
N THR B 244 -8.89 -18.42 20.54
CA THR B 244 -8.27 -19.51 21.26
C THR B 244 -9.23 -20.70 21.31
N THR B 245 -9.95 -20.86 22.42
CA THR B 245 -10.94 -21.92 22.56
C THR B 245 -12.27 -21.32 23.02
N TRP B 246 -13.30 -22.16 23.06
CA TRP B 246 -14.59 -21.74 23.57
C TRP B 246 -15.25 -22.95 24.23
N GLU B 247 -16.51 -22.79 24.61
CA GLU B 247 -17.25 -23.84 25.35
C GLU B 247 -17.76 -24.86 24.32
N GLY B 248 -16.85 -25.72 23.88
CA GLY B 248 -17.18 -26.73 22.91
C GLY B 248 -17.53 -28.07 23.50
N ASN B 249 -17.50 -28.20 24.83
CA ASN B 249 -17.75 -29.47 25.50
C ASN B 249 -16.58 -30.43 25.31
N THR B 250 -15.37 -29.90 25.19
CA THR B 250 -14.17 -30.71 25.12
C THR B 250 -12.98 -29.84 25.48
N ASP B 251 -11.92 -30.49 25.96
CA ASP B 251 -10.67 -29.82 26.27
C ASP B 251 -9.59 -30.07 25.22
N VAL B 252 -9.94 -30.78 24.15
CA VAL B 252 -9.00 -31.08 23.08
C VAL B 252 -8.77 -29.81 22.27
N ARG B 253 -7.60 -29.20 22.42
CA ARG B 253 -7.34 -27.92 21.75
C ARG B 253 -7.39 -28.06 20.23
N GLU B 254 -6.94 -29.20 19.71
CA GLU B 254 -6.99 -29.42 18.27
C GLU B 254 -8.41 -29.31 17.73
N TYR B 255 -9.41 -29.66 18.53
CA TYR B 255 -10.79 -29.54 18.09
C TYR B 255 -11.14 -28.09 17.77
N TYR B 256 -10.67 -27.16 18.59
CA TYR B 256 -10.96 -25.75 18.37
C TYR B 256 -10.17 -25.21 17.19
N ALA B 257 -8.97 -25.74 16.96
CA ALA B 257 -8.26 -25.39 15.73
C ALA B 257 -8.99 -25.92 14.51
N GLN B 258 -9.45 -27.18 14.58
CA GLN B 258 -10.21 -27.76 13.47
C GLN B 258 -11.49 -26.97 13.18
N GLN B 259 -12.17 -26.51 14.23
CA GLN B 259 -13.42 -25.78 14.02
C GLN B 259 -13.14 -24.41 13.41
N GLN B 260 -12.02 -23.78 13.79
CA GLN B 260 -11.69 -22.52 13.15
C GLN B 260 -11.36 -22.71 11.69
N LEU B 261 -10.74 -23.85 11.35
CA LEU B 261 -10.53 -24.18 9.94
C LEU B 261 -11.87 -24.31 9.22
N ASN B 262 -12.88 -24.86 9.90
CA ASN B 262 -14.19 -25.00 9.28
C ASN B 262 -14.84 -23.63 9.09
N LEU B 263 -14.74 -22.77 10.10
CA LEU B 263 -15.26 -21.42 9.94
C LEU B 263 -14.57 -20.70 8.79
N LEU B 264 -13.24 -20.85 8.69
CA LEU B 264 -12.50 -20.28 7.58
C LEU B 264 -13.02 -20.80 6.24
N ASN B 265 -13.32 -22.10 6.17
CA ASN B 265 -13.82 -22.69 4.93
C ASN B 265 -15.18 -22.14 4.54
N HIS B 266 -15.95 -21.64 5.50
CA HIS B 266 -17.19 -20.99 5.13
C HIS B 266 -16.96 -19.70 4.37
N PHE B 267 -15.79 -19.06 4.52
CA PHE B 267 -15.44 -17.91 3.72
C PHE B 267 -14.76 -18.30 2.42
N THR B 268 -13.87 -19.30 2.47
CA THR B 268 -12.99 -19.54 1.34
C THR B 268 -13.53 -20.52 0.30
N GLN B 269 -14.54 -21.32 0.63
CA GLN B 269 -15.04 -22.37 -0.25
C GLN B 269 -16.43 -22.02 -0.78
N ALA B 270 -16.65 -22.29 -2.06
CA ALA B 270 -17.92 -21.92 -2.67
C ALA B 270 -19.10 -22.59 -1.99
N GLU B 271 -18.87 -23.77 -1.38
CA GLU B 271 -19.89 -24.50 -0.63
C GLU B 271 -20.22 -23.86 0.71
N GLY B 272 -19.47 -22.83 1.10
CA GLY B 272 -19.66 -22.20 2.39
C GLY B 272 -20.80 -21.21 2.36
N ASP B 273 -21.22 -20.83 3.57
CA ASP B 273 -22.30 -19.88 3.74
C ASP B 273 -21.85 -18.43 3.59
N LEU B 274 -20.54 -18.17 3.67
CA LEU B 274 -19.98 -16.83 3.72
C LEU B 274 -18.98 -16.59 2.58
N PHE B 275 -19.17 -17.27 1.45
CA PHE B 275 -18.14 -17.33 0.42
C PHE B 275 -17.77 -15.95 -0.12
N ILE B 276 -16.46 -15.70 -0.16
CA ILE B 276 -15.93 -14.41 -0.58
C ILE B 276 -15.45 -14.42 -2.02
N GLY B 277 -15.24 -15.60 -2.60
CA GLY B 277 -14.70 -15.73 -3.94
C GLY B 277 -13.37 -16.46 -3.99
N ASP B 278 -13.14 -17.22 -5.06
CA ASP B 278 -11.95 -18.03 -5.14
C ASP B 278 -10.70 -17.23 -5.44
N HIS B 279 -10.86 -15.97 -5.86
CA HIS B 279 -9.72 -15.14 -6.24
C HIS B 279 -9.03 -14.49 -5.05
N TYR B 280 -9.54 -14.64 -3.84
CA TYR B 280 -8.93 -13.98 -2.70
C TYR B 280 -7.69 -14.69 -2.21
N LYS B 281 -6.67 -13.90 -1.89
CA LYS B 281 -5.53 -14.36 -1.12
C LYS B 281 -5.87 -14.32 0.35
N ILE B 282 -5.55 -15.38 1.08
CA ILE B 282 -6.03 -15.57 2.44
C ILE B 282 -4.91 -15.34 3.45
N TYR B 283 -5.19 -14.55 4.48
CA TYR B 283 -4.30 -14.31 5.59
C TYR B 283 -4.95 -14.74 6.90
N PHE B 284 -4.12 -15.06 7.89
CA PHE B 284 -4.58 -15.47 9.20
C PHE B 284 -4.00 -14.53 10.25
N LYS B 285 -4.87 -13.95 11.05
CA LYS B 285 -4.47 -13.11 12.18
C LYS B 285 -4.92 -13.85 13.45
N GLY B 286 -4.01 -14.64 14.01
CA GLY B 286 -4.35 -15.43 15.17
C GLY B 286 -4.44 -14.61 16.45
N HIS B 287 -5.20 -15.16 17.38
CA HIS B 287 -5.28 -14.61 18.71
C HIS B 287 -3.88 -14.64 19.34
N PRO B 288 -3.47 -13.59 20.06
CA PRO B 288 -2.09 -13.55 20.59
C PRO B 288 -1.76 -14.66 21.58
N ARG B 289 -2.75 -15.31 22.18
CA ARG B 289 -2.53 -16.45 23.06
C ARG B 289 -2.95 -17.77 22.42
N GLY B 290 -3.07 -17.79 21.08
CA GLY B 290 -3.48 -19.01 20.42
C GLY B 290 -2.45 -20.12 20.52
N GLY B 291 -1.18 -19.76 20.65
CA GLY B 291 -0.14 -20.77 20.84
C GLY B 291 -0.07 -21.75 19.70
N GLU B 292 -0.09 -23.04 20.03
CA GLU B 292 0.04 -24.06 18.99
C GLU B 292 -1.24 -24.20 18.18
N ILE B 293 -2.39 -23.75 18.69
CA ILE B 293 -3.60 -23.71 17.87
C ILE B 293 -3.34 -22.88 16.62
N ASN B 294 -2.61 -21.76 16.77
CA ASN B 294 -2.29 -20.92 15.62
C ASN B 294 -1.41 -21.68 14.62
N ASP B 295 -0.40 -22.41 15.12
CA ASP B 295 0.46 -23.14 14.18
C ASP B 295 -0.28 -24.28 13.52
N TYR B 296 -1.25 -24.86 14.21
CA TYR B 296 -2.06 -25.92 13.62
C TYR B 296 -2.87 -25.38 12.45
N ILE B 297 -3.59 -24.27 12.67
CA ILE B 297 -4.34 -23.65 11.58
C ILE B 297 -3.40 -23.33 10.42
N LEU B 298 -2.26 -22.72 10.73
CA LEU B 298 -1.30 -22.31 9.72
C LEU B 298 -0.69 -23.50 8.99
N ASN B 299 -0.52 -24.62 9.67
CA ASN B 299 0.09 -25.80 9.05
C ASN B 299 -0.92 -26.63 8.29
N ASN B 300 -2.22 -26.47 8.59
CA ASN B 300 -3.25 -27.24 7.92
C ASN B 300 -4.10 -26.41 6.97
N ALA B 301 -4.04 -25.09 7.05
CA ALA B 301 -4.70 -24.23 6.08
C ALA B 301 -3.76 -24.05 4.88
N LYS B 302 -4.24 -24.40 3.69
CA LYS B 302 -3.39 -24.43 2.51
C LYS B 302 -3.24 -23.04 1.92
N ASN B 303 -2.00 -22.57 1.82
CA ASN B 303 -1.67 -21.33 1.12
C ASN B 303 -2.13 -20.10 1.89
N ILE B 304 -2.17 -20.16 3.21
CA ILE B 304 -2.54 -19.02 4.03
C ILE B 304 -1.27 -18.31 4.47
N THR B 305 -1.36 -17.00 4.63
CA THR B 305 -0.23 -16.16 5.04
C THR B 305 -0.46 -15.69 6.47
N ASN B 306 0.49 -15.98 7.34
CA ASN B 306 0.37 -15.59 8.73
C ASN B 306 0.64 -14.12 8.89
N ILE B 307 -0.14 -13.47 9.74
CA ILE B 307 0.12 -12.11 10.18
C ILE B 307 0.45 -12.17 11.67
N PRO B 308 1.68 -11.86 12.08
CA PRO B 308 2.04 -12.00 13.50
C PRO B 308 1.09 -11.26 14.41
N ALA B 309 0.84 -11.86 15.58
CA ALA B 309 -0.19 -11.37 16.48
C ALA B 309 0.07 -9.94 16.95
N ASN B 310 1.32 -9.48 16.87
CA ASN B 310 1.65 -8.13 17.32
C ASN B 310 1.33 -7.07 16.28
N ILE B 311 1.17 -7.44 15.01
CA ILE B 311 0.70 -6.50 14.00
C ILE B 311 -0.81 -6.39 14.12
N SER B 312 -1.27 -5.40 14.87
CA SER B 312 -2.68 -5.18 15.10
C SER B 312 -3.39 -4.69 13.84
N PHE B 313 -4.71 -4.76 13.88
CA PHE B 313 -5.49 -4.13 12.82
C PHE B 313 -5.30 -2.62 12.80
N GLU B 314 -4.97 -2.04 13.96
CA GLU B 314 -4.75 -0.60 14.00
C GLU B 314 -3.44 -0.22 13.30
N VAL B 315 -2.41 -1.06 13.44
CA VAL B 315 -1.16 -0.87 12.70
C VAL B 315 -1.42 -0.94 11.21
N LEU B 316 -2.24 -1.92 10.78
CA LEU B 316 -2.56 -2.01 9.36
C LEU B 316 -3.28 -0.76 8.88
N MET B 317 -4.17 -0.22 9.70
CA MET B 317 -4.88 0.98 9.31
C MET B 317 -3.95 2.19 9.31
N MET B 318 -3.11 2.30 10.34
CA MET B 318 -2.12 3.37 10.43
C MET B 318 -1.22 3.40 9.21
N THR B 319 -0.91 2.25 8.62
CA THR B 319 0.02 2.16 7.51
C THR B 319 -0.65 1.96 6.16
N GLY B 320 -1.98 1.97 6.11
CA GLY B 320 -2.69 1.84 4.85
C GLY B 320 -2.70 0.45 4.26
N LEU B 321 -2.52 -0.59 5.07
CA LEU B 321 -2.33 -1.95 4.58
C LEU B 321 -3.44 -2.89 5.03
N LEU B 322 -4.59 -2.35 5.40
CA LEU B 322 -5.74 -3.20 5.68
C LEU B 322 -6.07 -3.99 4.42
N PRO B 323 -6.47 -5.27 4.56
CA PRO B 323 -6.92 -6.04 3.40
C PRO B 323 -8.29 -5.56 2.93
N ASP B 324 -8.76 -6.13 1.82
CA ASP B 324 -10.06 -5.73 1.29
C ASP B 324 -11.21 -6.20 2.19
N LYS B 325 -11.04 -7.32 2.88
CA LYS B 325 -12.08 -7.92 3.68
C LYS B 325 -11.49 -8.53 4.93
N VAL B 326 -12.21 -8.38 6.06
CA VAL B 326 -11.85 -9.00 7.33
C VAL B 326 -13.05 -9.78 7.82
N GLY B 327 -12.84 -11.01 8.27
CA GLY B 327 -13.91 -11.84 8.78
C GLY B 327 -13.38 -12.90 9.69
N GLY B 328 -14.28 -13.59 10.38
CA GLY B 328 -13.87 -14.68 11.27
C GLY B 328 -14.41 -14.52 12.67
N VAL B 329 -13.69 -15.01 13.66
CA VAL B 329 -14.22 -15.00 15.02
C VAL B 329 -14.24 -13.58 15.54
N ALA B 330 -15.37 -13.23 16.15
CA ALA B 330 -15.62 -11.90 16.65
C ALA B 330 -14.60 -11.46 17.69
N SER B 331 -14.40 -10.15 17.75
CA SER B 331 -13.55 -9.50 18.72
C SER B 331 -13.91 -8.02 18.70
N SER B 332 -13.74 -7.35 19.85
CA SER B 332 -13.93 -5.91 19.87
C SER B 332 -12.98 -5.17 18.93
N LEU B 333 -11.95 -5.85 18.42
CA LEU B 333 -11.11 -5.27 17.37
C LEU B 333 -11.92 -4.81 16.17
N TYR B 334 -13.05 -5.47 15.90
CA TYR B 334 -13.81 -5.12 14.73
C TYR B 334 -14.38 -3.71 14.80
N PHE B 335 -14.48 -3.15 16.00
CA PHE B 335 -15.08 -1.84 16.13
C PHE B 335 -14.30 -0.77 15.39
N SER B 336 -12.99 -0.93 15.23
N SER B 336 -12.99 -0.95 15.24
CA SER B 336 -12.19 0.09 14.57
CA SER B 336 -12.13 0.02 14.59
C SER B 336 -12.15 -0.08 13.05
C SER B 336 -12.14 -0.08 13.06
N LEU B 337 -12.70 -1.16 12.52
CA LEU B 337 -12.57 -1.37 11.08
C LEU B 337 -13.59 -0.54 10.28
N PRO B 338 -13.22 -0.10 9.09
CA PRO B 338 -14.20 0.57 8.22
C PRO B 338 -15.30 -0.39 7.79
N LYS B 339 -16.52 0.16 7.69
CA LYS B 339 -17.67 -0.68 7.37
C LYS B 339 -17.45 -1.46 6.07
N GLU B 340 -16.81 -0.86 5.08
CA GLU B 340 -16.63 -1.54 3.81
C GLU B 340 -15.78 -2.79 3.93
N LYS B 341 -14.95 -2.88 4.95
CA LYS B 341 -14.01 -4.00 5.02
C LYS B 341 -14.51 -5.14 5.88
N ILE B 342 -15.59 -4.96 6.63
CA ILE B 342 -16.09 -5.99 7.52
C ILE B 342 -16.99 -6.90 6.74
N SER B 343 -16.68 -8.19 6.76
CA SER B 343 -17.55 -9.17 6.11
C SER B 343 -18.53 -9.76 7.12
N HIS B 344 -18.16 -10.88 7.76
CA HIS B 344 -18.98 -11.52 8.77
C HIS B 344 -18.18 -11.75 10.04
N ILE B 345 -18.83 -11.54 11.18
CA ILE B 345 -18.24 -11.67 12.50
C ILE B 345 -18.93 -12.83 13.21
N ILE B 346 -18.16 -13.80 13.67
CA ILE B 346 -18.70 -15.06 14.18
C ILE B 346 -18.45 -15.12 15.68
N PHE B 347 -19.53 -15.28 16.44
CA PHE B 347 -19.45 -15.40 17.90
C PHE B 347 -19.48 -16.85 18.33
N THR B 348 -18.55 -17.21 19.21
CA THR B 348 -18.45 -18.55 19.76
C THR B 348 -19.10 -18.60 21.14
N SER B 349 -19.27 -19.80 21.65
CA SER B 349 -20.05 -20.01 22.86
C SER B 349 -19.24 -19.68 24.10
N ASN B 350 -19.79 -18.81 24.94
CA ASN B 350 -19.20 -18.47 26.23
C ASN B 350 -20.35 -18.13 27.19
N LYS B 351 -20.03 -17.49 28.30
CA LYS B 351 -21.05 -17.09 29.30
C LYS B 351 -22.13 -16.18 28.80
N GLN B 352 -21.79 -14.97 28.46
CA GLN B 352 -22.78 -14.02 27.98
C GLN B 352 -23.38 -14.44 26.64
N VAL B 353 -22.66 -15.25 25.85
CA VAL B 353 -23.03 -15.53 24.46
C VAL B 353 -23.25 -17.02 24.31
N LYS B 354 -24.52 -17.42 24.26
CA LYS B 354 -24.87 -18.80 23.94
C LYS B 354 -25.84 -18.86 22.77
N SER B 355 -26.03 -17.75 22.07
CA SER B 355 -26.89 -17.73 20.91
C SER B 355 -26.56 -16.47 20.11
N LYS B 356 -27.16 -16.37 18.92
CA LYS B 356 -26.99 -15.15 18.13
C LYS B 356 -27.63 -13.96 18.82
N GLU B 357 -28.81 -14.16 19.41
CA GLU B 357 -29.45 -13.07 20.16
C GLU B 357 -28.53 -12.50 21.21
N ASP B 358 -27.84 -13.38 21.96
CA ASP B 358 -26.87 -12.92 22.95
C ASP B 358 -25.75 -12.12 22.31
N ALA B 359 -25.19 -12.63 21.20
CA ALA B 359 -24.12 -11.93 20.50
C ALA B 359 -24.56 -10.53 20.05
N LEU B 360 -25.83 -10.39 19.64
CA LEU B 360 -26.35 -9.09 19.25
C LEU B 360 -26.45 -8.11 20.42
N ASN B 361 -26.43 -8.60 21.66
CA ASN B 361 -26.43 -7.74 22.84
C ASN B 361 -25.02 -7.53 23.38
N ASN B 362 -24.00 -7.98 22.67
CA ASN B 362 -22.64 -7.65 23.04
C ASN B 362 -22.45 -6.13 22.98
N PRO B 363 -21.72 -5.54 23.94
CA PRO B 363 -21.67 -4.06 24.02
C PRO B 363 -21.16 -3.38 22.75
N TYR B 364 -20.00 -3.79 22.23
CA TYR B 364 -19.49 -3.07 21.06
C TYR B 364 -20.35 -3.35 19.83
N VAL B 365 -20.99 -4.52 19.76
CA VAL B 365 -21.89 -4.79 18.65
C VAL B 365 -23.06 -3.83 18.65
N LYS B 366 -23.63 -3.55 19.83
CA LYS B 366 -24.73 -2.60 19.89
C LYS B 366 -24.31 -1.23 19.37
N VAL B 367 -23.11 -0.79 19.74
CA VAL B 367 -22.61 0.48 19.23
C VAL B 367 -22.46 0.43 17.71
N MET B 368 -21.81 -0.63 17.21
CA MET B 368 -21.59 -0.70 15.78
C MET B 368 -22.90 -0.72 15.01
N ARG B 369 -23.92 -1.39 15.57
CA ARG B 369 -25.20 -1.46 14.89
C ARG B 369 -25.89 -0.10 14.82
N ARG B 370 -25.85 0.68 15.90
CA ARG B 370 -26.57 1.95 15.82
C ARG B 370 -25.88 2.93 14.88
N LEU B 371 -24.58 2.79 14.66
CA LEU B 371 -23.90 3.62 13.68
C LEU B 371 -24.03 3.08 12.27
N GLY B 372 -24.66 1.91 12.11
CA GLY B 372 -24.76 1.34 10.78
C GLY B 372 -23.45 0.79 10.27
N ILE B 373 -22.51 0.46 11.15
CA ILE B 373 -21.25 -0.12 10.71
C ILE B 373 -21.47 -1.58 10.29
N ILE B 374 -22.29 -2.31 11.02
CA ILE B 374 -22.67 -3.66 10.65
C ILE B 374 -24.18 -3.79 10.73
N ASP B 375 -24.71 -4.66 9.91
CA ASP B 375 -26.09 -4.99 10.05
C ASP B 375 -26.10 -6.32 10.83
N GLU B 376 -27.23 -6.71 11.37
CA GLU B 376 -27.40 -7.93 12.19
C GLU B 376 -27.10 -9.19 11.46
N SER B 377 -27.20 -9.11 10.17
CA SER B 377 -27.00 -10.30 9.37
C SER B 377 -25.52 -10.65 9.28
N GLN B 378 -24.66 -9.66 9.50
CA GLN B 378 -23.23 -9.93 9.56
C GLN B 378 -22.80 -10.56 10.87
N VAL B 379 -23.69 -10.65 11.86
CA VAL B 379 -23.40 -11.29 13.13
C VAL B 379 -23.87 -12.73 13.07
N ILE B 380 -22.94 -13.65 13.25
CA ILE B 380 -23.22 -15.09 13.15
C ILE B 380 -22.85 -15.75 14.46
N PHE B 381 -23.74 -16.59 14.98
CA PHE B 381 -23.38 -17.49 16.07
C PHE B 381 -22.84 -18.80 15.47
N TRP B 382 -21.73 -19.27 16.05
CA TRP B 382 -20.87 -20.24 15.36
C TRP B 382 -21.58 -21.55 15.02
N ASP B 383 -22.48 -22.04 15.88
CA ASP B 383 -23.02 -23.37 15.60
C ASP B 383 -24.16 -23.35 14.58
N SER B 384 -24.47 -22.19 13.98
CA SER B 384 -25.37 -22.14 12.84
C SER B 384 -24.67 -22.55 11.55
N LEU B 385 -23.37 -22.76 11.58
CA LEU B 385 -22.58 -23.07 10.38
C LEU B 385 -22.28 -24.56 10.34
N LYS B 386 -22.66 -25.19 9.22
CA LYS B 386 -22.49 -26.63 9.10
C LYS B 386 -21.02 -27.01 9.00
N GLN B 387 -20.74 -28.26 9.33
CA GLN B 387 -19.43 -28.83 9.08
C GLN B 387 -19.26 -29.07 7.58
N LEU B 388 -18.19 -28.51 7.00
CA LEU B 388 -17.94 -28.61 5.57
C LEU B 388 -16.98 -29.73 5.18
N GLY B 389 -16.22 -30.26 6.09
CA GLY B 389 -15.32 -31.34 5.72
C GLY B 389 -14.09 -30.87 4.94
N GLY B 390 -13.39 -31.87 4.36
CA GLY B 390 -12.10 -31.66 3.72
C GLY B 390 -12.12 -31.52 2.20
N GLY B 391 -12.12 -32.65 1.49
CA GLY B 391 -12.10 -32.65 0.02
C GLY B 391 -12.40 -33.99 -0.64
#